data_1F6E
# 
_entry.id   1F6E 
# 
_audit_conform.dict_name       mmcif_pdbx.dic 
_audit_conform.dict_version    5.385 
_audit_conform.dict_location   http://mmcif.pdb.org/dictionaries/ascii/mmcif_pdbx.dic 
# 
loop_
_database_2.database_id 
_database_2.database_code 
_database_2.pdbx_database_accession 
_database_2.pdbx_DOI 
PDB   1F6E         pdb_00001f6e 10.2210/pdb1f6e/pdb 
NDB   AD0009       ?            ?                   
RCSB  RCSB011299   ?            ?                   
WWPDB D_1000011299 ?            ?                   
# 
loop_
_pdbx_audit_revision_history.ordinal 
_pdbx_audit_revision_history.data_content_type 
_pdbx_audit_revision_history.major_revision 
_pdbx_audit_revision_history.minor_revision 
_pdbx_audit_revision_history.revision_date 
1 'Structure model' 1 0 2000-08-28 
2 'Structure model' 1 1 2008-04-27 
3 'Structure model' 1 2 2011-07-13 
4 'Structure model' 1 3 2024-02-07 
# 
_pdbx_audit_revision_details.ordinal             1 
_pdbx_audit_revision_details.revision_ordinal    1 
_pdbx_audit_revision_details.data_content_type   'Structure model' 
_pdbx_audit_revision_details.provider            repository 
_pdbx_audit_revision_details.type                'Initial release' 
_pdbx_audit_revision_details.description         ? 
_pdbx_audit_revision_details.details             ? 
# 
loop_
_pdbx_audit_revision_group.ordinal 
_pdbx_audit_revision_group.revision_ordinal 
_pdbx_audit_revision_group.data_content_type 
_pdbx_audit_revision_group.group 
1 2 'Structure model' 'Version format compliance' 
2 3 'Structure model' 'Version format compliance' 
3 4 'Structure model' 'Data collection'           
4 4 'Structure model' 'Database references'       
5 4 'Structure model' 'Derived calculations'      
# 
loop_
_pdbx_audit_revision_category.ordinal 
_pdbx_audit_revision_category.revision_ordinal 
_pdbx_audit_revision_category.data_content_type 
_pdbx_audit_revision_category.category 
1 4 'Structure model' chem_comp_atom 
2 4 'Structure model' chem_comp_bond 
3 4 'Structure model' database_2     
4 4 'Structure model' struct_conn    
# 
loop_
_pdbx_audit_revision_item.ordinal 
_pdbx_audit_revision_item.revision_ordinal 
_pdbx_audit_revision_item.data_content_type 
_pdbx_audit_revision_item.item 
1 4 'Structure model' '_database_2.pdbx_DOI'                
2 4 'Structure model' '_database_2.pdbx_database_accession' 
3 4 'Structure model' '_struct_conn.pdbx_leaving_atom_flag' 
# 
_pdbx_database_status.status_code                     REL 
_pdbx_database_status.entry_id                        1F6E 
_pdbx_database_status.recvd_initial_deposition_date   2000-06-21 
_pdbx_database_status.deposit_site                    NDB 
_pdbx_database_status.process_site                    NDB 
_pdbx_database_status.status_code_sf                  REL 
_pdbx_database_status.SG_entry                        . 
_pdbx_database_status.pdb_format_compatible           Y 
_pdbx_database_status.status_code_mr                  ? 
_pdbx_database_status.status_code_cs                  ? 
_pdbx_database_status.status_code_nmr_data            ? 
_pdbx_database_status.methods_development_category    ? 
# 
loop_
_pdbx_database_related.db_name 
_pdbx_database_related.db_id 
_pdbx_database_related.details 
_pdbx_database_related.content_type 
PDB 1F69 'B-DNA HEXAMER GGCGCC WITH COBALT HEXAMINE' unspecified 
PDB 1F6C 'B-DNA HEXAMER GGCGCC WITH SPERMINE'        unspecified 
PDB 1F6I 'E-DNA HEXAMER GGCGM5CC'                    unspecified 
PDB 1F6J 'E-DNA HEXAMER GGCGBR5CC'                   unspecified 
# 
loop_
_audit_author.name 
_audit_author.pdbx_ordinal 
'Vargason, J.M.' 1 
'Eichman, B.F.'  2 
'Ho, P.S.'       3 
# 
_citation.id                        primary 
_citation.title                     'The extended and eccentric E-DNA structure induced by cytosine methylation or bromination.' 
_citation.journal_abbrev            Nat.Struct.Biol. 
_citation.journal_volume            7 
_citation.page_first                758 
_citation.page_last                 761 
_citation.year                      2000 
_citation.journal_id_ASTM           NSBIEW 
_citation.country                   US 
_citation.journal_id_ISSN           1072-8368 
_citation.journal_id_CSD            2024 
_citation.book_publisher            ? 
_citation.pdbx_database_id_PubMed   10966645 
_citation.pdbx_database_id_DOI      10.1038/78985 
# 
loop_
_citation_author.citation_id 
_citation_author.name 
_citation_author.ordinal 
_citation_author.identifier_ORCID 
primary 'Vargason, J.M.' 1 ? 
primary 'Eichman, B.F.'  2 ? 
primary 'Ho, P.S.'       3 ? 
# 
loop_
_entity.id 
_entity.type 
_entity.src_method 
_entity.pdbx_description 
_entity.formula_weight 
_entity.pdbx_number_of_molecules 
_entity.pdbx_ec 
_entity.pdbx_mutation 
_entity.pdbx_fragment 
_entity.details 
1 polymer syn 
;DNA (5'-D(*GP*GP*CP*GP*(5CM)P*C)-3')
;
1824.232 6   ? ? ? ? 
2 water   nat water                                  18.015   126 ? ? ? ? 
# 
_entity_poly.entity_id                      1 
_entity_poly.type                           polydeoxyribonucleotide 
_entity_poly.nstd_linkage                   no 
_entity_poly.nstd_monomer                   yes 
_entity_poly.pdbx_seq_one_letter_code       '(DG)(DG)(DC)(DG)(5CM)(DC)' 
_entity_poly.pdbx_seq_one_letter_code_can   GGCGCC 
_entity_poly.pdbx_strand_id                 A,B,C,D,E,F 
_entity_poly.pdbx_target_identifier         ? 
# 
_pdbx_entity_nonpoly.entity_id   2 
_pdbx_entity_nonpoly.name        water 
_pdbx_entity_nonpoly.comp_id     HOH 
# 
loop_
_entity_poly_seq.entity_id 
_entity_poly_seq.num 
_entity_poly_seq.mon_id 
_entity_poly_seq.hetero 
1 1 DG  n 
1 2 DG  n 
1 3 DC  n 
1 4 DG  n 
1 5 5CM n 
1 6 DC  n 
# 
loop_
_chem_comp.id 
_chem_comp.type 
_chem_comp.mon_nstd_flag 
_chem_comp.name 
_chem_comp.pdbx_synonyms 
_chem_comp.formula 
_chem_comp.formula_weight 
5CM 'DNA linking' n "5-METHYL-2'-DEOXY-CYTIDINE-5'-MONOPHOSPHATE" ? 'C10 H16 N3 O7 P' 321.224 
DC  'DNA linking' y "2'-DEOXYCYTIDINE-5'-MONOPHOSPHATE"           ? 'C9 H14 N3 O7 P'  307.197 
DG  'DNA linking' y "2'-DEOXYGUANOSINE-5'-MONOPHOSPHATE"          ? 'C10 H14 N5 O7 P' 347.221 
HOH non-polymer   . WATER                                         ? 'H2 O'            18.015  
# 
loop_
_pdbx_poly_seq_scheme.asym_id 
_pdbx_poly_seq_scheme.entity_id 
_pdbx_poly_seq_scheme.seq_id 
_pdbx_poly_seq_scheme.mon_id 
_pdbx_poly_seq_scheme.ndb_seq_num 
_pdbx_poly_seq_scheme.pdb_seq_num 
_pdbx_poly_seq_scheme.auth_seq_num 
_pdbx_poly_seq_scheme.pdb_mon_id 
_pdbx_poly_seq_scheme.auth_mon_id 
_pdbx_poly_seq_scheme.pdb_strand_id 
_pdbx_poly_seq_scheme.pdb_ins_code 
_pdbx_poly_seq_scheme.hetero 
A 1 1 DG  1 1  1  DG  G  A . n 
A 1 2 DG  2 2  2  DG  G  A . n 
A 1 3 DC  3 3  3  DC  C  A . n 
A 1 4 DG  4 4  4  DG  G  A . n 
A 1 5 5CM 5 5  5  5CM +C A . n 
A 1 6 DC  6 6  6  DC  C  A . n 
B 1 1 DG  1 7  7  DG  G  B . n 
B 1 2 DG  2 8  8  DG  G  B . n 
B 1 3 DC  3 9  9  DC  C  B . n 
B 1 4 DG  4 10 10 DG  G  B . n 
B 1 5 5CM 5 11 11 5CM +C B . n 
B 1 6 DC  6 12 12 DC  C  B . n 
C 1 1 DG  1 13 13 DG  G  C . n 
C 1 2 DG  2 14 14 DG  G  C . n 
C 1 3 DC  3 15 15 DC  C  C . n 
C 1 4 DG  4 16 16 DG  G  C . n 
C 1 5 5CM 5 17 17 5CM +C C . n 
C 1 6 DC  6 18 18 DC  C  C . n 
D 1 1 DG  1 19 19 DG  G  D . n 
D 1 2 DG  2 20 20 DG  G  D . n 
D 1 3 DC  3 21 21 DC  C  D . n 
D 1 4 DG  4 22 22 DG  G  D . n 
D 1 5 5CM 5 23 23 5CM +C D . n 
D 1 6 DC  6 24 24 DC  C  D . n 
E 1 1 DG  1 25 25 DG  G  E . n 
E 1 2 DG  2 26 26 DG  G  E . n 
E 1 3 DC  3 27 27 DC  C  E . n 
E 1 4 DG  4 28 28 DG  G  E . n 
E 1 5 5CM 5 29 29 5CM +C E . n 
E 1 6 DC  6 30 30 DC  C  E . n 
F 1 1 DG  1 31 31 DG  G  F . n 
F 1 2 DG  2 32 32 DG  G  F . n 
F 1 3 DC  3 33 33 DC  C  F . n 
F 1 4 DG  4 34 34 DG  G  F . n 
F 1 5 5CM 5 35 35 5CM +C F . n 
F 1 6 DC  6 36 36 DC  C  F . n 
# 
loop_
_pdbx_nonpoly_scheme.asym_id 
_pdbx_nonpoly_scheme.entity_id 
_pdbx_nonpoly_scheme.mon_id 
_pdbx_nonpoly_scheme.ndb_seq_num 
_pdbx_nonpoly_scheme.pdb_seq_num 
_pdbx_nonpoly_scheme.auth_seq_num 
_pdbx_nonpoly_scheme.pdb_mon_id 
_pdbx_nonpoly_scheme.auth_mon_id 
_pdbx_nonpoly_scheme.pdb_strand_id 
_pdbx_nonpoly_scheme.pdb_ins_code 
G 2 HOH 1  38  38  HOH HOH A . 
G 2 HOH 2  40  40  HOH HOH A . 
G 2 HOH 3  42  42  HOH HOH A . 
G 2 HOH 4  51  51  HOH HOH A . 
G 2 HOH 5  55  55  HOH HOH A . 
G 2 HOH 6  57  57  HOH HOH A . 
G 2 HOH 7  68  68  HOH HOH A . 
G 2 HOH 8  69  69  HOH HOH A . 
G 2 HOH 9  78  78  HOH HOH A . 
G 2 HOH 10 80  80  HOH HOH A . 
G 2 HOH 11 97  97  HOH HOH A . 
G 2 HOH 12 107 107 HOH HOH A . 
G 2 HOH 13 108 108 HOH HOH A . 
G 2 HOH 14 109 109 HOH HOH A . 
G 2 HOH 15 110 110 HOH HOH A . 
G 2 HOH 16 111 111 HOH HOH A . 
G 2 HOH 17 112 112 HOH HOH A . 
G 2 HOH 18 125 125 HOH HOH A . 
G 2 HOH 19 135 135 HOH HOH A . 
G 2 HOH 20 141 141 HOH HOH A . 
G 2 HOH 21 142 142 HOH HOH A . 
G 2 HOH 22 143 143 HOH HOH A . 
G 2 HOH 23 146 146 HOH HOH A . 
G 2 HOH 24 147 147 HOH HOH A . 
G 2 HOH 25 153 153 HOH HOH A . 
G 2 HOH 26 154 154 HOH HOH A . 
G 2 HOH 27 156 156 HOH HOH A . 
G 2 HOH 28 157 157 HOH HOH A . 
G 2 HOH 29 158 158 HOH HOH A . 
G 2 HOH 30 159 159 HOH HOH A . 
H 2 HOH 1  37  37  HOH HOH B . 
H 2 HOH 2  39  39  HOH HOH B . 
H 2 HOH 3  41  41  HOH HOH B . 
H 2 HOH 4  58  58  HOH HOH B . 
H 2 HOH 5  65  65  HOH HOH B . 
H 2 HOH 6  67  67  HOH HOH B . 
H 2 HOH 7  77  77  HOH HOH B . 
H 2 HOH 8  87  87  HOH HOH B . 
H 2 HOH 9  100 100 HOH HOH B . 
H 2 HOH 10 101 101 HOH HOH B . 
H 2 HOH 11 102 102 HOH HOH B . 
H 2 HOH 12 117 117 HOH HOH B . 
H 2 HOH 13 121 121 HOH HOH B . 
H 2 HOH 14 138 138 HOH HOH B . 
H 2 HOH 15 139 139 HOH HOH B . 
H 2 HOH 16 155 155 HOH HOH B . 
H 2 HOH 17 161 161 HOH HOH B . 
I 2 HOH 1  43  43  HOH HOH C . 
I 2 HOH 2  45  45  HOH HOH C . 
I 2 HOH 3  47  47  HOH HOH C . 
I 2 HOH 4  52  52  HOH HOH C . 
I 2 HOH 5  62  62  HOH HOH C . 
I 2 HOH 6  63  63  HOH HOH C . 
I 2 HOH 7  64  64  HOH HOH C . 
I 2 HOH 8  66  66  HOH HOH C . 
I 2 HOH 9  75  75  HOH HOH C . 
I 2 HOH 10 81  81  HOH HOH C . 
I 2 HOH 11 84  84  HOH HOH C . 
I 2 HOH 12 85  85  HOH HOH C . 
I 2 HOH 13 86  86  HOH HOH C . 
I 2 HOH 14 90  90  HOH HOH C . 
I 2 HOH 15 91  91  HOH HOH C . 
I 2 HOH 16 92  92  HOH HOH C . 
I 2 HOH 17 93  93  HOH HOH C . 
I 2 HOH 18 94  94  HOH HOH C . 
I 2 HOH 19 105 105 HOH HOH C . 
I 2 HOH 20 118 118 HOH HOH C . 
I 2 HOH 21 126 126 HOH HOH C . 
I 2 HOH 22 136 136 HOH HOH C . 
I 2 HOH 23 144 144 HOH HOH C . 
I 2 HOH 24 145 145 HOH HOH C . 
I 2 HOH 25 160 160 HOH HOH C . 
J 2 HOH 1  44  44  HOH HOH D . 
J 2 HOH 2  46  46  HOH HOH D . 
J 2 HOH 3  53  53  HOH HOH D . 
J 2 HOH 4  59  59  HOH HOH D . 
J 2 HOH 5  60  60  HOH HOH D . 
J 2 HOH 6  61  61  HOH HOH D . 
J 2 HOH 7  73  73  HOH HOH D . 
J 2 HOH 8  74  74  HOH HOH D . 
J 2 HOH 9  76  76  HOH HOH D . 
J 2 HOH 10 95  95  HOH HOH D . 
J 2 HOH 11 104 104 HOH HOH D . 
J 2 HOH 12 119 119 HOH HOH D . 
J 2 HOH 13 127 127 HOH HOH D . 
J 2 HOH 14 133 133 HOH HOH D . 
J 2 HOH 15 134 134 HOH HOH D . 
J 2 HOH 16 148 148 HOH HOH D . 
J 2 HOH 17 151 151 HOH HOH D . 
J 2 HOH 18 152 152 HOH HOH D . 
K 2 HOH 1  48  48  HOH HOH E . 
K 2 HOH 2  50  50  HOH HOH E . 
K 2 HOH 3  54  54  HOH HOH E . 
K 2 HOH 4  71  71  HOH HOH E . 
K 2 HOH 5  79  79  HOH HOH E . 
K 2 HOH 6  82  82  HOH HOH E . 
K 2 HOH 7  83  83  HOH HOH E . 
K 2 HOH 8  88  88  HOH HOH E . 
K 2 HOH 9  98  98  HOH HOH E . 
K 2 HOH 10 99  99  HOH HOH E . 
K 2 HOH 11 103 103 HOH HOH E . 
K 2 HOH 12 106 106 HOH HOH E . 
K 2 HOH 13 114 114 HOH HOH E . 
K 2 HOH 14 120 120 HOH HOH E . 
K 2 HOH 15 122 122 HOH HOH E . 
K 2 HOH 16 123 123 HOH HOH E . 
K 2 HOH 17 128 128 HOH HOH E . 
K 2 HOH 18 129 129 HOH HOH E . 
K 2 HOH 19 130 130 HOH HOH E . 
K 2 HOH 20 131 131 HOH HOH E . 
K 2 HOH 21 132 132 HOH HOH E . 
K 2 HOH 22 140 140 HOH HOH E . 
L 2 HOH 1  49  49  HOH HOH F . 
L 2 HOH 2  56  56  HOH HOH F . 
L 2 HOH 3  70  70  HOH HOH F . 
L 2 HOH 4  72  72  HOH HOH F . 
L 2 HOH 5  89  89  HOH HOH F . 
L 2 HOH 6  96  96  HOH HOH F . 
L 2 HOH 7  113 113 HOH HOH F . 
L 2 HOH 8  115 115 HOH HOH F . 
L 2 HOH 9  116 116 HOH HOH F . 
L 2 HOH 10 124 124 HOH HOH F . 
L 2 HOH 11 137 137 HOH HOH F . 
L 2 HOH 12 149 149 HOH HOH F . 
L 2 HOH 13 150 150 HOH HOH F . 
L 2 HOH 14 162 162 HOH HOH F . 
# 
loop_
_pdbx_unobs_or_zero_occ_atoms.id 
_pdbx_unobs_or_zero_occ_atoms.PDB_model_num 
_pdbx_unobs_or_zero_occ_atoms.polymer_flag 
_pdbx_unobs_or_zero_occ_atoms.occupancy_flag 
_pdbx_unobs_or_zero_occ_atoms.auth_asym_id 
_pdbx_unobs_or_zero_occ_atoms.auth_comp_id 
_pdbx_unobs_or_zero_occ_atoms.auth_seq_id 
_pdbx_unobs_or_zero_occ_atoms.PDB_ins_code 
_pdbx_unobs_or_zero_occ_atoms.auth_atom_id 
_pdbx_unobs_or_zero_occ_atoms.label_alt_id 
_pdbx_unobs_or_zero_occ_atoms.label_asym_id 
_pdbx_unobs_or_zero_occ_atoms.label_comp_id 
_pdbx_unobs_or_zero_occ_atoms.label_seq_id 
_pdbx_unobs_or_zero_occ_atoms.label_atom_id 
1  1 Y 1 E DG 25 ? "O5'" ? E DG 1 "O5'" 
2  1 Y 1 E DG 25 ? "C5'" ? E DG 1 "C5'" 
3  1 Y 1 E DG 25 ? "C4'" ? E DG 1 "C4'" 
4  1 Y 1 E DG 25 ? "O4'" ? E DG 1 "O4'" 
5  1 Y 1 E DG 25 ? "C3'" ? E DG 1 "C3'" 
6  1 Y 1 E DG 25 ? "C2'" ? E DG 1 "C2'" 
7  1 Y 1 E DG 25 ? "C1'" ? E DG 1 "C1'" 
8  1 Y 1 E DG 25 ? N9    ? E DG 1 N9    
9  1 Y 1 E DG 25 ? C8    ? E DG 1 C8    
10 1 Y 1 E DG 25 ? N7    ? E DG 1 N7    
11 1 Y 1 E DG 25 ? C5    ? E DG 1 C5    
12 1 Y 1 E DG 25 ? C6    ? E DG 1 C6    
13 1 Y 1 E DG 25 ? O6    ? E DG 1 O6    
14 1 Y 1 E DG 25 ? N1    ? E DG 1 N1    
15 1 Y 1 E DG 25 ? C2    ? E DG 1 C2    
16 1 Y 1 E DG 25 ? N2    ? E DG 1 N2    
17 1 Y 1 E DG 25 ? N3    ? E DG 1 N3    
18 1 Y 1 E DG 25 ? C4    ? E DG 1 C4    
19 1 Y 1 F DC 36 ? "C5'" ? F DC 6 "C5'" 
20 1 Y 1 F DC 36 ? "C4'" ? F DC 6 "C4'" 
21 1 Y 1 F DC 36 ? "O4'" ? F DC 6 "O4'" 
22 1 Y 1 F DC 36 ? "C3'" ? F DC 6 "C3'" 
23 1 Y 1 F DC 36 ? "O3'" ? F DC 6 "O3'" 
24 1 Y 1 F DC 36 ? "C2'" ? F DC 6 "C2'" 
25 1 Y 1 F DC 36 ? "C1'" ? F DC 6 "C1'" 
26 1 Y 1 F DC 36 ? N1    ? F DC 6 N1    
27 1 Y 1 F DC 36 ? C2    ? F DC 6 C2    
28 1 Y 1 F DC 36 ? O2    ? F DC 6 O2    
29 1 Y 1 F DC 36 ? N3    ? F DC 6 N3    
30 1 Y 1 F DC 36 ? C4    ? F DC 6 C4    
31 1 Y 1 F DC 36 ? N4    ? F DC 6 N4    
32 1 Y 1 F DC 36 ? C5    ? F DC 6 C5    
33 1 Y 1 F DC 36 ? C6    ? F DC 6 C6    
# 
loop_
_software.name 
_software.classification 
_software.version 
_software.citation_id 
_software.pdbx_ordinal 
AMoRE     phasing          .   ? 1 
CNS       refinement       0.9 ? 2 
DENZO     'data reduction' .   ? 3 
SCALEPACK 'data scaling'   .   ? 4 
# 
_cell.entry_id           1F6E 
_cell.length_a           37.060 
_cell.length_b           46.727 
_cell.length_c           110.689 
_cell.angle_alpha        90.00 
_cell.angle_beta         90.00 
_cell.angle_gamma        90.00 
_cell.Z_PDB              48 
_cell.pdbx_unique_axis   ? 
# 
_symmetry.entry_id                         1F6E 
_symmetry.space_group_name_H-M             'C 2 2 21' 
_symmetry.pdbx_full_space_group_name_H-M   ? 
_symmetry.cell_setting                     orthorhombic 
_symmetry.Int_Tables_number                20 
# 
_exptl.entry_id          1F6E 
_exptl.method            'X-RAY DIFFRACTION' 
_exptl.crystals_number   1 
# 
_exptl_crystal.id                    1 
_exptl_crystal.density_meas          ? 
_exptl_crystal.density_percent_sol   51.27 
_exptl_crystal.density_Matthews      2.52 
_exptl_crystal.description           ? 
# 
_exptl_crystal_grow.crystal_id      1 
_exptl_crystal_grow.method          'VAPOR DIFFUSION, SITTING DROP' 
_exptl_crystal_grow.temp            298 
_exptl_crystal_grow.temp_details    ? 
_exptl_crystal_grow.pH              6.0 
_exptl_crystal_grow.pdbx_details    'MGCL2, SPERMINE, SODIUM CACODYLATE, pH 6.0, VAPOR DIFFUSION, SITTING DROP, temperature 298K' 
_exptl_crystal_grow.pdbx_pH_range   ? 
# 
loop_
_exptl_crystal_grow_comp.crystal_id 
_exptl_crystal_grow_comp.id 
_exptl_crystal_grow_comp.sol_id 
_exptl_crystal_grow_comp.name 
_exptl_crystal_grow_comp.volume 
_exptl_crystal_grow_comp.conc 
_exptl_crystal_grow_comp.details 
1 1 1 'SODIUM CACODYLATE' ? ? ? 
1 2 1 SPERMINE            ? ? ? 
1 3 1 MGCL2               ? ? ? 
1 4 2 MGCL2               ? ? ? 
# 
_diffrn.id                     1 
_diffrn.ambient_temp           298 
_diffrn.ambient_temp_details   ? 
_diffrn.crystal_id             1 
# 
_diffrn_detector.diffrn_id              1 
_diffrn_detector.detector               'IMAGE PLATE' 
_diffrn_detector.type                   'RIGAKU RAXIS IV' 
_diffrn_detector.pdbx_collection_date   2000-02-21 
_diffrn_detector.details                ? 
# 
_diffrn_radiation.diffrn_id                        1 
_diffrn_radiation.wavelength_id                    1 
_diffrn_radiation.pdbx_monochromatic_or_laue_m_l   M 
_diffrn_radiation.monochromator                    ? 
_diffrn_radiation.pdbx_diffrn_protocol             'SINGLE WAVELENGTH' 
_diffrn_radiation.pdbx_scattering_type             x-ray 
# 
_diffrn_radiation_wavelength.id           1 
_diffrn_radiation_wavelength.wavelength   1.5418 
_diffrn_radiation_wavelength.wt           1.0 
# 
_diffrn_source.diffrn_id                   1 
_diffrn_source.source                      'ROTATING ANODE' 
_diffrn_source.type                        'RIGAKU RU300' 
_diffrn_source.pdbx_synchrotron_site       ? 
_diffrn_source.pdbx_synchrotron_beamline   ? 
_diffrn_source.pdbx_wavelength             1.5418 
_diffrn_source.pdbx_wavelength_list        ? 
# 
_reflns.entry_id                     1F6E 
_reflns.observed_criterion_sigma_I   0.0 
_reflns.observed_criterion_sigma_F   0.0 
_reflns.d_resolution_low             500 
_reflns.d_resolution_high            2.0 
_reflns.number_obs                   6053 
_reflns.number_all                   6053 
_reflns.percent_possible_obs         88.6 
_reflns.pdbx_Rmerge_I_obs            0.055 
_reflns.pdbx_Rsym_value              ? 
_reflns.pdbx_netI_over_sigmaI        21.2 
_reflns.B_iso_Wilson_estimate        26.2 
_reflns.pdbx_redundancy              4.6 
_reflns.R_free_details               ? 
_reflns.pdbx_diffrn_id               1 
_reflns.pdbx_ordinal                 1 
# 
_reflns_shell.d_res_high             2.00 
_reflns_shell.d_res_low              2.07 
_reflns_shell.percent_possible_all   62.9 
_reflns_shell.Rmerge_I_obs           0.384 
_reflns_shell.pdbx_Rsym_value        ? 
_reflns_shell.meanI_over_sigI_obs    ? 
_reflns_shell.pdbx_redundancy        1.9 
_reflns_shell.percent_possible_obs   ? 
_reflns_shell.number_unique_all      ? 
_reflns_shell.pdbx_diffrn_id         ? 
_reflns_shell.pdbx_ordinal           1 
# 
_refine.entry_id                                 1F6E 
_refine.ls_number_reflns_obs                     5740 
_refine.ls_number_reflns_all                     5740 
_refine.pdbx_ls_sigma_I                          0.0 
_refine.pdbx_ls_sigma_F                          0.0 
_refine.pdbx_data_cutoff_high_absF               ? 
_refine.pdbx_data_cutoff_low_absF                ? 
_refine.pdbx_data_cutoff_high_rms_absF           ? 
_refine.ls_d_res_low                             8.0 
_refine.ls_d_res_high                            2.0 
_refine.ls_percent_reflns_obs                    ? 
_refine.ls_R_factor_obs                          0.208 
_refine.ls_R_factor_all                          0.208 
_refine.ls_R_factor_R_work                       0.205 
_refine.ls_R_factor_R_free                       0.248 
_refine.ls_R_factor_R_free_error                 ? 
_refine.ls_R_factor_R_free_error_details         ? 
_refine.ls_percent_reflns_R_free                 10.2 
_refine.ls_number_reflns_R_free                  585 
_refine.ls_number_parameters                     ? 
_refine.ls_number_restraints                     ? 
_refine.occupancy_min                            ? 
_refine.occupancy_max                            ? 
_refine.B_iso_mean                               ? 
_refine.aniso_B[1][1]                            ? 
_refine.aniso_B[2][2]                            ? 
_refine.aniso_B[3][3]                            ? 
_refine.aniso_B[1][2]                            ? 
_refine.aniso_B[1][3]                            ? 
_refine.aniso_B[2][3]                            ? 
_refine.solvent_model_details                    ? 
_refine.solvent_model_param_ksol                 ? 
_refine.solvent_model_param_bsol                 ? 
_refine.pdbx_ls_cross_valid_method               THROUGHOUT 
_refine.details                                  
;RESIDUES G E 25 AND C F 36 WERE DISORDERED AND WERE NOT
 MODELLED WITH THE EXCEPTION OF THE BACKBONE ATOMS IN THE
 COORDINATE SECTION
;
_refine.pdbx_starting_model                      ? 
_refine.pdbx_method_to_determine_struct          'MOLECULAR REPLACEMENT' 
_refine.pdbx_isotropic_thermal_model             ? 
_refine.pdbx_stereochemistry_target_values       MLF 
_refine.pdbx_stereochem_target_val_spec_case     ? 
_refine.pdbx_R_Free_selection_details            RANDOM 
_refine.pdbx_overall_ESU_R                       ? 
_refine.pdbx_overall_ESU_R_Free                  ? 
_refine.overall_SU_ML                            ? 
_refine.overall_SU_B                             ? 
_refine.ls_redundancy_reflns_obs                 ? 
_refine.pdbx_refine_id                           'X-RAY DIFFRACTION' 
_refine.pdbx_diffrn_id                           1 
_refine.pdbx_TLS_residual_ADP_flag               ? 
_refine.correlation_coeff_Fo_to_Fc               ? 
_refine.correlation_coeff_Fo_to_Fc_free          ? 
_refine.pdbx_solvent_vdw_probe_radii             ? 
_refine.pdbx_solvent_ion_probe_radii             ? 
_refine.pdbx_solvent_shrinkage_radii             ? 
_refine.pdbx_overall_phase_error                 ? 
_refine.overall_SU_R_Cruickshank_DPI             ? 
_refine.pdbx_overall_SU_R_free_Cruickshank_DPI   ? 
_refine.pdbx_overall_SU_R_Blow_DPI               ? 
_refine.pdbx_overall_SU_R_free_Blow_DPI          ? 
# 
_refine_hist.pdbx_refine_id                   'X-RAY DIFFRACTION' 
_refine_hist.cycle_id                         LAST 
_refine_hist.pdbx_number_atoms_protein        0 
_refine_hist.pdbx_number_atoms_nucleic_acid   687 
_refine_hist.pdbx_number_atoms_ligand         6 
_refine_hist.number_atoms_solvent             126 
_refine_hist.number_atoms_total               819 
_refine_hist.d_res_high                       2.0 
_refine_hist.d_res_low                        8.0 
# 
loop_
_refine_ls_restr.type 
_refine_ls_restr.dev_ideal 
_refine_ls_restr.dev_ideal_target 
_refine_ls_restr.weight 
_refine_ls_restr.number 
_refine_ls_restr.pdbx_refine_id 
_refine_ls_restr.pdbx_restraint_function 
c_bond_d                0.004 ? ? ? 'X-RAY DIFFRACTION' ? 
c_bond_d_na             ?     ? ? ? 'X-RAY DIFFRACTION' ? 
c_bond_d_prot           ?     ? ? ? 'X-RAY DIFFRACTION' ? 
c_angle_d               ?     ? ? ? 'X-RAY DIFFRACTION' ? 
c_angle_d_na            ?     ? ? ? 'X-RAY DIFFRACTION' ? 
c_angle_d_prot          ?     ? ? ? 'X-RAY DIFFRACTION' ? 
c_angle_deg             0.8   ? ? ? 'X-RAY DIFFRACTION' ? 
c_angle_deg_na          ?     ? ? ? 'X-RAY DIFFRACTION' ? 
c_angle_deg_prot        ?     ? ? ? 'X-RAY DIFFRACTION' ? 
c_dihedral_angle_d      ?     ? ? ? 'X-RAY DIFFRACTION' ? 
c_dihedral_angle_d_na   ?     ? ? ? 'X-RAY DIFFRACTION' ? 
c_dihedral_angle_d_prot ?     ? ? ? 'X-RAY DIFFRACTION' ? 
c_improper_angle_d      ?     ? ? ? 'X-RAY DIFFRACTION' ? 
c_improper_angle_d_na   ?     ? ? ? 'X-RAY DIFFRACTION' ? 
c_improper_angle_d_prot ?     ? ? ? 'X-RAY DIFFRACTION' ? 
c_mcbond_it             ?     ? ? ? 'X-RAY DIFFRACTION' ? 
c_mcangle_it            ?     ? ? ? 'X-RAY DIFFRACTION' ? 
c_scbond_it             ?     ? ? ? 'X-RAY DIFFRACTION' ? 
c_scangle_it            ?     ? ? ? 'X-RAY DIFFRACTION' ? 
# 
_struct.entry_id                  1F6E 
_struct.title                     'CRYSTAL STRUCTURE OF THE A-DNA HEXAMER GGCGM5CC' 
_struct.pdbx_model_details        ? 
_struct.pdbx_CASP_flag            ? 
_struct.pdbx_model_type_details   ? 
# 
_struct_keywords.entry_id        1F6E 
_struct_keywords.pdbx_keywords   DNA 
_struct_keywords.text            'A-DNA, E-DNA, DOUBLE HELIX, DNA' 
# 
loop_
_struct_asym.id 
_struct_asym.pdbx_blank_PDB_chainid_flag 
_struct_asym.pdbx_modified 
_struct_asym.entity_id 
_struct_asym.details 
A N N 1 ? 
B N N 1 ? 
C N N 1 ? 
D N N 1 ? 
E N N 1 ? 
F N N 1 ? 
G N N 2 ? 
H N N 2 ? 
I N N 2 ? 
J N N 2 ? 
K N N 2 ? 
L N N 2 ? 
# 
_struct_ref.id                         1 
_struct_ref.entity_id                  1 
_struct_ref.db_name                    PDB 
_struct_ref.db_code                    1F6E 
_struct_ref.pdbx_db_accession          1F6E 
_struct_ref.pdbx_db_isoform            ? 
_struct_ref.pdbx_seq_one_letter_code   ? 
_struct_ref.pdbx_align_begin           ? 
# 
loop_
_struct_ref_seq.align_id 
_struct_ref_seq.ref_id 
_struct_ref_seq.pdbx_PDB_id_code 
_struct_ref_seq.pdbx_strand_id 
_struct_ref_seq.seq_align_beg 
_struct_ref_seq.pdbx_seq_align_beg_ins_code 
_struct_ref_seq.seq_align_end 
_struct_ref_seq.pdbx_seq_align_end_ins_code 
_struct_ref_seq.pdbx_db_accession 
_struct_ref_seq.db_align_beg 
_struct_ref_seq.pdbx_db_align_beg_ins_code 
_struct_ref_seq.db_align_end 
_struct_ref_seq.pdbx_db_align_end_ins_code 
_struct_ref_seq.pdbx_auth_seq_align_beg 
_struct_ref_seq.pdbx_auth_seq_align_end 
1 1 1F6E A 1 ? 6 ? 1F6E 1  ? 6  ? 1  6  
2 1 1F6E B 1 ? 6 ? 1F6E 7  ? 12 ? 7  12 
3 1 1F6E C 1 ? 6 ? 1F6E 13 ? 18 ? 13 18 
4 1 1F6E D 1 ? 6 ? 1F6E 19 ? 24 ? 19 24 
5 1 1F6E E 1 ? 6 ? 1F6E 25 ? 30 ? 25 30 
6 1 1F6E F 1 ? 6 ? 1F6E 31 ? 36 ? 31 36 
# 
loop_
_pdbx_struct_assembly.id 
_pdbx_struct_assembly.details 
_pdbx_struct_assembly.method_details 
_pdbx_struct_assembly.oligomeric_details 
_pdbx_struct_assembly.oligomeric_count 
1 author_defined_assembly ? dimeric 2 
2 author_defined_assembly ? dimeric 2 
3 author_defined_assembly ? dimeric 2 
# 
loop_
_pdbx_struct_assembly_gen.assembly_id 
_pdbx_struct_assembly_gen.oper_expression 
_pdbx_struct_assembly_gen.asym_id_list 
1 1 A,B,G,H 
2 1 C,D,I,J 
3 1 E,F,K,L 
# 
_pdbx_struct_oper_list.id                   1 
_pdbx_struct_oper_list.type                 'identity operation' 
_pdbx_struct_oper_list.name                 1_555 
_pdbx_struct_oper_list.symmetry_operation   x,y,z 
_pdbx_struct_oper_list.matrix[1][1]         1.0000000000 
_pdbx_struct_oper_list.matrix[1][2]         0.0000000000 
_pdbx_struct_oper_list.matrix[1][3]         0.0000000000 
_pdbx_struct_oper_list.vector[1]            0.0000000000 
_pdbx_struct_oper_list.matrix[2][1]         0.0000000000 
_pdbx_struct_oper_list.matrix[2][2]         1.0000000000 
_pdbx_struct_oper_list.matrix[2][3]         0.0000000000 
_pdbx_struct_oper_list.vector[2]            0.0000000000 
_pdbx_struct_oper_list.matrix[3][1]         0.0000000000 
_pdbx_struct_oper_list.matrix[3][2]         0.0000000000 
_pdbx_struct_oper_list.matrix[3][3]         1.0000000000 
_pdbx_struct_oper_list.vector[3]            0.0000000000 
# 
loop_
_struct_biol.id 
1 
2 
3 
# 
loop_
_struct_conn.id 
_struct_conn.conn_type_id 
_struct_conn.pdbx_leaving_atom_flag 
_struct_conn.pdbx_PDB_id 
_struct_conn.ptnr1_label_asym_id 
_struct_conn.ptnr1_label_comp_id 
_struct_conn.ptnr1_label_seq_id 
_struct_conn.ptnr1_label_atom_id 
_struct_conn.pdbx_ptnr1_label_alt_id 
_struct_conn.pdbx_ptnr1_PDB_ins_code 
_struct_conn.pdbx_ptnr1_standard_comp_id 
_struct_conn.ptnr1_symmetry 
_struct_conn.ptnr2_label_asym_id 
_struct_conn.ptnr2_label_comp_id 
_struct_conn.ptnr2_label_seq_id 
_struct_conn.ptnr2_label_atom_id 
_struct_conn.pdbx_ptnr2_label_alt_id 
_struct_conn.pdbx_ptnr2_PDB_ins_code 
_struct_conn.ptnr1_auth_asym_id 
_struct_conn.ptnr1_auth_comp_id 
_struct_conn.ptnr1_auth_seq_id 
_struct_conn.ptnr2_auth_asym_id 
_struct_conn.ptnr2_auth_comp_id 
_struct_conn.ptnr2_auth_seq_id 
_struct_conn.ptnr2_symmetry 
_struct_conn.pdbx_ptnr3_label_atom_id 
_struct_conn.pdbx_ptnr3_label_seq_id 
_struct_conn.pdbx_ptnr3_label_comp_id 
_struct_conn.pdbx_ptnr3_label_asym_id 
_struct_conn.pdbx_ptnr3_label_alt_id 
_struct_conn.pdbx_ptnr3_PDB_ins_code 
_struct_conn.details 
_struct_conn.pdbx_dist_value 
_struct_conn.pdbx_value_order 
_struct_conn.pdbx_role 
covale1  covale both ? A DG  4 "O3'" ? ? ? 1_555 A 5CM 5 P  ? ? A DG  4  A 5CM 5  1_555 ? ? ? ? ? ? ?            1.604 ? ? 
covale2  covale both ? A 5CM 5 "O3'" ? ? ? 1_555 A DC  6 P  ? ? A 5CM 5  A DC  6  1_555 ? ? ? ? ? ? ?            1.612 ? ? 
covale3  covale both ? B DG  4 "O3'" ? ? ? 1_555 B 5CM 5 P  ? ? B DG  10 B 5CM 11 1_555 ? ? ? ? ? ? ?            1.606 ? ? 
covale4  covale both ? B 5CM 5 "O3'" ? ? ? 1_555 B DC  6 P  ? ? B 5CM 11 B DC  12 1_555 ? ? ? ? ? ? ?            1.605 ? ? 
covale5  covale both ? C DG  4 "O3'" ? ? ? 1_555 C 5CM 5 P  ? ? C DG  16 C 5CM 17 1_555 ? ? ? ? ? ? ?            1.609 ? ? 
covale6  covale both ? C 5CM 5 "O3'" ? ? ? 1_555 C DC  6 P  ? ? C 5CM 17 C DC  18 1_555 ? ? ? ? ? ? ?            1.610 ? ? 
covale7  covale both ? D DG  4 "O3'" ? ? ? 1_555 D 5CM 5 P  ? ? D DG  22 D 5CM 23 1_555 ? ? ? ? ? ? ?            1.602 ? ? 
covale8  covale both ? D 5CM 5 "O3'" ? ? ? 1_555 D DC  6 P  ? ? D 5CM 23 D DC  24 1_555 ? ? ? ? ? ? ?            1.606 ? ? 
covale9  covale both ? E DG  4 "O3'" ? ? ? 1_555 E 5CM 5 P  ? ? E DG  28 E 5CM 29 1_555 ? ? ? ? ? ? ?            1.604 ? ? 
covale10 covale both ? E 5CM 5 "O3'" ? ? ? 1_555 E DC  6 P  ? ? E 5CM 29 E DC  30 1_555 ? ? ? ? ? ? ?            1.605 ? ? 
covale11 covale both ? F DG  4 "O3'" ? ? ? 1_555 F 5CM 5 P  ? ? F DG  34 F 5CM 35 1_555 ? ? ? ? ? ? ?            1.603 ? ? 
covale12 covale both ? F 5CM 5 "O3'" ? ? ? 1_555 F DC  6 P  ? ? F 5CM 35 F DC  36 1_555 ? ? ? ? ? ? ?            1.614 ? ? 
hydrog1  hydrog ?    ? A DG  1 N1    ? ? ? 1_555 B DC  6 N3 ? ? A DG  1  B DC  12 1_555 ? ? ? ? ? ? WATSON-CRICK ?     ? ? 
hydrog2  hydrog ?    ? A DG  1 N2    ? ? ? 1_555 B DC  6 O2 ? ? A DG  1  B DC  12 1_555 ? ? ? ? ? ? WATSON-CRICK ?     ? ? 
hydrog3  hydrog ?    ? A DG  1 O6    ? ? ? 1_555 B DC  6 N4 ? ? A DG  1  B DC  12 1_555 ? ? ? ? ? ? WATSON-CRICK ?     ? ? 
hydrog4  hydrog ?    ? A DG  2 N1    ? ? ? 1_555 B 5CM 5 N3 ? ? A DG  2  B 5CM 11 1_555 ? ? ? ? ? ? WATSON-CRICK ?     ? ? 
hydrog5  hydrog ?    ? A DG  2 N2    ? ? ? 1_555 B 5CM 5 O2 ? ? A DG  2  B 5CM 11 1_555 ? ? ? ? ? ? WATSON-CRICK ?     ? ? 
hydrog6  hydrog ?    ? A DG  2 O6    ? ? ? 1_555 B 5CM 5 N4 ? ? A DG  2  B 5CM 11 1_555 ? ? ? ? ? ? WATSON-CRICK ?     ? ? 
hydrog7  hydrog ?    ? A DC  3 N3    ? ? ? 1_555 B DG  4 N1 ? ? A DC  3  B DG  10 1_555 ? ? ? ? ? ? WATSON-CRICK ?     ? ? 
hydrog8  hydrog ?    ? A DC  3 N4    ? ? ? 1_555 B DG  4 O6 ? ? A DC  3  B DG  10 1_555 ? ? ? ? ? ? WATSON-CRICK ?     ? ? 
hydrog9  hydrog ?    ? A DC  3 O2    ? ? ? 1_555 B DG  4 N2 ? ? A DC  3  B DG  10 1_555 ? ? ? ? ? ? WATSON-CRICK ?     ? ? 
hydrog10 hydrog ?    ? A DG  4 N1    ? ? ? 1_555 B DC  3 N3 ? ? A DG  4  B DC  9  1_555 ? ? ? ? ? ? WATSON-CRICK ?     ? ? 
hydrog11 hydrog ?    ? A DG  4 N2    ? ? ? 1_555 B DC  3 O2 ? ? A DG  4  B DC  9  1_555 ? ? ? ? ? ? WATSON-CRICK ?     ? ? 
hydrog12 hydrog ?    ? A DG  4 O6    ? ? ? 1_555 B DC  3 N4 ? ? A DG  4  B DC  9  1_555 ? ? ? ? ? ? WATSON-CRICK ?     ? ? 
hydrog13 hydrog ?    ? A 5CM 5 N3    ? ? ? 1_555 B DG  2 N1 ? ? A 5CM 5  B DG  8  1_555 ? ? ? ? ? ? WATSON-CRICK ?     ? ? 
hydrog14 hydrog ?    ? A 5CM 5 N4    ? ? ? 1_555 B DG  2 O6 ? ? A 5CM 5  B DG  8  1_555 ? ? ? ? ? ? WATSON-CRICK ?     ? ? 
hydrog15 hydrog ?    ? A 5CM 5 O2    ? ? ? 1_555 B DG  2 N2 ? ? A 5CM 5  B DG  8  1_555 ? ? ? ? ? ? WATSON-CRICK ?     ? ? 
hydrog16 hydrog ?    ? A DC  6 N3    ? ? ? 1_555 B DG  1 N1 ? ? A DC  6  B DG  7  1_555 ? ? ? ? ? ? WATSON-CRICK ?     ? ? 
hydrog17 hydrog ?    ? A DC  6 N4    ? ? ? 1_555 B DG  1 O6 ? ? A DC  6  B DG  7  1_555 ? ? ? ? ? ? WATSON-CRICK ?     ? ? 
hydrog18 hydrog ?    ? A DC  6 O2    ? ? ? 1_555 B DG  1 N2 ? ? A DC  6  B DG  7  1_555 ? ? ? ? ? ? WATSON-CRICK ?     ? ? 
hydrog19 hydrog ?    ? C DG  1 N1    ? ? ? 1_555 D DC  6 N3 ? ? C DG  13 D DC  24 1_555 ? ? ? ? ? ? WATSON-CRICK ?     ? ? 
hydrog20 hydrog ?    ? C DG  1 N2    ? ? ? 1_555 D DC  6 O2 ? ? C DG  13 D DC  24 1_555 ? ? ? ? ? ? WATSON-CRICK ?     ? ? 
hydrog21 hydrog ?    ? C DG  1 O6    ? ? ? 1_555 D DC  6 N4 ? ? C DG  13 D DC  24 1_555 ? ? ? ? ? ? WATSON-CRICK ?     ? ? 
hydrog22 hydrog ?    ? C DG  2 N1    ? ? ? 1_555 D 5CM 5 N3 ? ? C DG  14 D 5CM 23 1_555 ? ? ? ? ? ? WATSON-CRICK ?     ? ? 
hydrog23 hydrog ?    ? C DG  2 N2    ? ? ? 1_555 D 5CM 5 O2 ? ? C DG  14 D 5CM 23 1_555 ? ? ? ? ? ? WATSON-CRICK ?     ? ? 
hydrog24 hydrog ?    ? C DG  2 O6    ? ? ? 1_555 D 5CM 5 N4 ? ? C DG  14 D 5CM 23 1_555 ? ? ? ? ? ? WATSON-CRICK ?     ? ? 
hydrog25 hydrog ?    ? C DC  3 N3    ? ? ? 1_555 D DG  4 N1 ? ? C DC  15 D DG  22 1_555 ? ? ? ? ? ? WATSON-CRICK ?     ? ? 
hydrog26 hydrog ?    ? C DC  3 N4    ? ? ? 1_555 D DG  4 O6 ? ? C DC  15 D DG  22 1_555 ? ? ? ? ? ? WATSON-CRICK ?     ? ? 
hydrog27 hydrog ?    ? C DC  3 O2    ? ? ? 1_555 D DG  4 N2 ? ? C DC  15 D DG  22 1_555 ? ? ? ? ? ? WATSON-CRICK ?     ? ? 
hydrog28 hydrog ?    ? C DG  4 N1    ? ? ? 1_555 D DC  3 N3 ? ? C DG  16 D DC  21 1_555 ? ? ? ? ? ? WATSON-CRICK ?     ? ? 
hydrog29 hydrog ?    ? C DG  4 N2    ? ? ? 1_555 D DC  3 O2 ? ? C DG  16 D DC  21 1_555 ? ? ? ? ? ? WATSON-CRICK ?     ? ? 
hydrog30 hydrog ?    ? C DG  4 O6    ? ? ? 1_555 D DC  3 N4 ? ? C DG  16 D DC  21 1_555 ? ? ? ? ? ? WATSON-CRICK ?     ? ? 
hydrog31 hydrog ?    ? C 5CM 5 N3    ? ? ? 1_555 D DG  2 N1 ? ? C 5CM 17 D DG  20 1_555 ? ? ? ? ? ? WATSON-CRICK ?     ? ? 
hydrog32 hydrog ?    ? C 5CM 5 N4    ? ? ? 1_555 D DG  2 O6 ? ? C 5CM 17 D DG  20 1_555 ? ? ? ? ? ? WATSON-CRICK ?     ? ? 
hydrog33 hydrog ?    ? C 5CM 5 O2    ? ? ? 1_555 D DG  2 N2 ? ? C 5CM 17 D DG  20 1_555 ? ? ? ? ? ? WATSON-CRICK ?     ? ? 
hydrog34 hydrog ?    ? C DC  6 N3    ? ? ? 1_555 D DG  1 N1 ? ? C DC  18 D DG  19 1_555 ? ? ? ? ? ? WATSON-CRICK ?     ? ? 
hydrog35 hydrog ?    ? C DC  6 N4    ? ? ? 1_555 D DG  1 O6 ? ? C DC  18 D DG  19 1_555 ? ? ? ? ? ? WATSON-CRICK ?     ? ? 
hydrog36 hydrog ?    ? C DC  6 O2    ? ? ? 1_555 D DG  1 N2 ? ? C DC  18 D DG  19 1_555 ? ? ? ? ? ? WATSON-CRICK ?     ? ? 
hydrog37 hydrog ?    ? E DG  2 N1    ? ? ? 1_555 F 5CM 5 N3 ? ? E DG  26 F 5CM 35 1_555 ? ? ? ? ? ? WATSON-CRICK ?     ? ? 
hydrog38 hydrog ?    ? E DG  2 N2    ? ? ? 1_555 F 5CM 5 O2 ? ? E DG  26 F 5CM 35 1_555 ? ? ? ? ? ? WATSON-CRICK ?     ? ? 
hydrog39 hydrog ?    ? E DG  2 O6    ? ? ? 1_555 F 5CM 5 N4 ? ? E DG  26 F 5CM 35 1_555 ? ? ? ? ? ? WATSON-CRICK ?     ? ? 
hydrog40 hydrog ?    ? E DC  3 N3    ? ? ? 1_555 F DG  4 N1 ? ? E DC  27 F DG  34 1_555 ? ? ? ? ? ? WATSON-CRICK ?     ? ? 
hydrog41 hydrog ?    ? E DC  3 N4    ? ? ? 1_555 F DG  4 O6 ? ? E DC  27 F DG  34 1_555 ? ? ? ? ? ? WATSON-CRICK ?     ? ? 
hydrog42 hydrog ?    ? E DC  3 O2    ? ? ? 1_555 F DG  4 N2 ? ? E DC  27 F DG  34 1_555 ? ? ? ? ? ? WATSON-CRICK ?     ? ? 
hydrog43 hydrog ?    ? E DG  4 N1    ? ? ? 1_555 F DC  3 N3 ? ? E DG  28 F DC  33 1_555 ? ? ? ? ? ? WATSON-CRICK ?     ? ? 
hydrog44 hydrog ?    ? E DG  4 N2    ? ? ? 1_555 F DC  3 O2 ? ? E DG  28 F DC  33 1_555 ? ? ? ? ? ? WATSON-CRICK ?     ? ? 
hydrog45 hydrog ?    ? E DG  4 O6    ? ? ? 1_555 F DC  3 N4 ? ? E DG  28 F DC  33 1_555 ? ? ? ? ? ? WATSON-CRICK ?     ? ? 
hydrog46 hydrog ?    ? E 5CM 5 N3    ? ? ? 1_555 F DG  2 N1 ? ? E 5CM 29 F DG  32 1_555 ? ? ? ? ? ? WATSON-CRICK ?     ? ? 
hydrog47 hydrog ?    ? E 5CM 5 N4    ? ? ? 1_555 F DG  2 O6 ? ? E 5CM 29 F DG  32 1_555 ? ? ? ? ? ? WATSON-CRICK ?     ? ? 
hydrog48 hydrog ?    ? E 5CM 5 O2    ? ? ? 1_555 F DG  2 N2 ? ? E 5CM 29 F DG  32 1_555 ? ? ? ? ? ? WATSON-CRICK ?     ? ? 
hydrog49 hydrog ?    ? E DC  6 N3    ? ? ? 1_555 F DG  1 N1 ? ? E DC  30 F DG  31 1_555 ? ? ? ? ? ? WATSON-CRICK ?     ? ? 
hydrog50 hydrog ?    ? E DC  6 N4    ? ? ? 1_555 F DG  1 O6 ? ? E DC  30 F DG  31 1_555 ? ? ? ? ? ? WATSON-CRICK ?     ? ? 
hydrog51 hydrog ?    ? E DC  6 O2    ? ? ? 1_555 F DG  1 N2 ? ? E DC  30 F DG  31 1_555 ? ? ? ? ? ? WATSON-CRICK ?     ? ? 
# 
loop_
_struct_conn_type.id 
_struct_conn_type.criteria 
_struct_conn_type.reference 
covale ? ? 
hydrog ? ? 
# 
loop_
_pdbx_validate_planes.id 
_pdbx_validate_planes.PDB_model_num 
_pdbx_validate_planes.auth_comp_id 
_pdbx_validate_planes.auth_asym_id 
_pdbx_validate_planes.auth_seq_id 
_pdbx_validate_planes.PDB_ins_code 
_pdbx_validate_planes.label_alt_id 
_pdbx_validate_planes.rmsd 
_pdbx_validate_planes.type 
1 1 DG B 8  ? ? 0.063 'SIDE CHAIN' 
2 1 DG B 10 ? ? 0.063 'SIDE CHAIN' 
# 
loop_
_pdbx_struct_mod_residue.id 
_pdbx_struct_mod_residue.label_asym_id 
_pdbx_struct_mod_residue.label_comp_id 
_pdbx_struct_mod_residue.label_seq_id 
_pdbx_struct_mod_residue.auth_asym_id 
_pdbx_struct_mod_residue.auth_comp_id 
_pdbx_struct_mod_residue.auth_seq_id 
_pdbx_struct_mod_residue.PDB_ins_code 
_pdbx_struct_mod_residue.parent_comp_id 
_pdbx_struct_mod_residue.details 
1 A 5CM 5 A 5CM 5  ? DC ? 
2 B 5CM 5 B 5CM 11 ? DC ? 
3 C 5CM 5 C 5CM 17 ? DC ? 
4 D 5CM 5 D 5CM 23 ? DC ? 
5 E 5CM 5 E 5CM 29 ? DC ? 
6 F 5CM 5 F 5CM 35 ? DC ? 
# 
loop_
_chem_comp_atom.comp_id 
_chem_comp_atom.atom_id 
_chem_comp_atom.type_symbol 
_chem_comp_atom.pdbx_aromatic_flag 
_chem_comp_atom.pdbx_stereo_config 
_chem_comp_atom.pdbx_ordinal 
5CM N1     N N N 1   
5CM C2     C N N 2   
5CM N3     N N N 3   
5CM C4     C N N 4   
5CM C5     C N N 5   
5CM C5A    C N N 6   
5CM C6     C N N 7   
5CM O2     O N N 8   
5CM N4     N N N 9   
5CM "C1'"  C N R 10  
5CM "C2'"  C N N 11  
5CM "C3'"  C N S 12  
5CM "C4'"  C N R 13  
5CM "O4'"  O N N 14  
5CM "O3'"  O N N 15  
5CM "C5'"  C N N 16  
5CM "O5'"  O N N 17  
5CM P      P N N 18  
5CM OP1    O N N 19  
5CM OP2    O N N 20  
5CM OP3    O N N 21  
5CM H5A1   H N N 22  
5CM H5A2   H N N 23  
5CM H5A3   H N N 24  
5CM H6     H N N 25  
5CM HN41   H N N 26  
5CM HN42   H N N 27  
5CM "H1'"  H N N 28  
5CM "H2'"  H N N 29  
5CM "H2''" H N N 30  
5CM "H3'"  H N N 31  
5CM "H4'"  H N N 32  
5CM "HO3'" H N N 33  
5CM "H5'"  H N N 34  
5CM "H5''" H N N 35  
5CM HOP2   H N N 36  
5CM HOP3   H N N 37  
DC  OP3    O N N 38  
DC  P      P N N 39  
DC  OP1    O N N 40  
DC  OP2    O N N 41  
DC  "O5'"  O N N 42  
DC  "C5'"  C N N 43  
DC  "C4'"  C N R 44  
DC  "O4'"  O N N 45  
DC  "C3'"  C N S 46  
DC  "O3'"  O N N 47  
DC  "C2'"  C N N 48  
DC  "C1'"  C N R 49  
DC  N1     N N N 50  
DC  C2     C N N 51  
DC  O2     O N N 52  
DC  N3     N N N 53  
DC  C4     C N N 54  
DC  N4     N N N 55  
DC  C5     C N N 56  
DC  C6     C N N 57  
DC  HOP3   H N N 58  
DC  HOP2   H N N 59  
DC  "H5'"  H N N 60  
DC  "H5''" H N N 61  
DC  "H4'"  H N N 62  
DC  "H3'"  H N N 63  
DC  "HO3'" H N N 64  
DC  "H2'"  H N N 65  
DC  "H2''" H N N 66  
DC  "H1'"  H N N 67  
DC  H41    H N N 68  
DC  H42    H N N 69  
DC  H5     H N N 70  
DC  H6     H N N 71  
DG  OP3    O N N 72  
DG  P      P N N 73  
DG  OP1    O N N 74  
DG  OP2    O N N 75  
DG  "O5'"  O N N 76  
DG  "C5'"  C N N 77  
DG  "C4'"  C N R 78  
DG  "O4'"  O N N 79  
DG  "C3'"  C N S 80  
DG  "O3'"  O N N 81  
DG  "C2'"  C N N 82  
DG  "C1'"  C N R 83  
DG  N9     N Y N 84  
DG  C8     C Y N 85  
DG  N7     N Y N 86  
DG  C5     C Y N 87  
DG  C6     C N N 88  
DG  O6     O N N 89  
DG  N1     N N N 90  
DG  C2     C N N 91  
DG  N2     N N N 92  
DG  N3     N N N 93  
DG  C4     C Y N 94  
DG  HOP3   H N N 95  
DG  HOP2   H N N 96  
DG  "H5'"  H N N 97  
DG  "H5''" H N N 98  
DG  "H4'"  H N N 99  
DG  "H3'"  H N N 100 
DG  "HO3'" H N N 101 
DG  "H2'"  H N N 102 
DG  "H2''" H N N 103 
DG  "H1'"  H N N 104 
DG  H8     H N N 105 
DG  H1     H N N 106 
DG  H21    H N N 107 
DG  H22    H N N 108 
HOH O      O N N 109 
HOH H1     H N N 110 
HOH H2     H N N 111 
# 
loop_
_chem_comp_bond.comp_id 
_chem_comp_bond.atom_id_1 
_chem_comp_bond.atom_id_2 
_chem_comp_bond.value_order 
_chem_comp_bond.pdbx_aromatic_flag 
_chem_comp_bond.pdbx_stereo_config 
_chem_comp_bond.pdbx_ordinal 
5CM N1    C2     sing N N 1   
5CM N1    C6     sing N N 2   
5CM N1    "C1'"  sing N N 3   
5CM C2    N3     sing N N 4   
5CM C2    O2     doub N N 5   
5CM N3    C4     doub N N 6   
5CM C4    C5     sing N N 7   
5CM C4    N4     sing N N 8   
5CM C5    C5A    sing N N 9   
5CM C5    C6     doub N N 10  
5CM C5A   H5A1   sing N N 11  
5CM C5A   H5A2   sing N N 12  
5CM C5A   H5A3   sing N N 13  
5CM C6    H6     sing N N 14  
5CM N4    HN41   sing N N 15  
5CM N4    HN42   sing N N 16  
5CM "C1'" "C2'"  sing N N 17  
5CM "C1'" "O4'"  sing N N 18  
5CM "C1'" "H1'"  sing N N 19  
5CM "C2'" "C3'"  sing N N 20  
5CM "C2'" "H2'"  sing N N 21  
5CM "C2'" "H2''" sing N N 22  
5CM "C3'" "C4'"  sing N N 23  
5CM "C3'" "O3'"  sing N N 24  
5CM "C3'" "H3'"  sing N N 25  
5CM "C4'" "O4'"  sing N N 26  
5CM "C4'" "C5'"  sing N N 27  
5CM "C4'" "H4'"  sing N N 28  
5CM "O3'" "HO3'" sing N N 29  
5CM "C5'" "O5'"  sing N N 30  
5CM "C5'" "H5'"  sing N N 31  
5CM "C5'" "H5''" sing N N 32  
5CM "O5'" P      sing N N 33  
5CM P     OP1    doub N N 34  
5CM P     OP2    sing N N 35  
5CM P     OP3    sing N N 36  
5CM OP2   HOP2   sing N N 37  
5CM OP3   HOP3   sing N N 38  
DC  OP3   P      sing N N 39  
DC  OP3   HOP3   sing N N 40  
DC  P     OP1    doub N N 41  
DC  P     OP2    sing N N 42  
DC  P     "O5'"  sing N N 43  
DC  OP2   HOP2   sing N N 44  
DC  "O5'" "C5'"  sing N N 45  
DC  "C5'" "C4'"  sing N N 46  
DC  "C5'" "H5'"  sing N N 47  
DC  "C5'" "H5''" sing N N 48  
DC  "C4'" "O4'"  sing N N 49  
DC  "C4'" "C3'"  sing N N 50  
DC  "C4'" "H4'"  sing N N 51  
DC  "O4'" "C1'"  sing N N 52  
DC  "C3'" "O3'"  sing N N 53  
DC  "C3'" "C2'"  sing N N 54  
DC  "C3'" "H3'"  sing N N 55  
DC  "O3'" "HO3'" sing N N 56  
DC  "C2'" "C1'"  sing N N 57  
DC  "C2'" "H2'"  sing N N 58  
DC  "C2'" "H2''" sing N N 59  
DC  "C1'" N1     sing N N 60  
DC  "C1'" "H1'"  sing N N 61  
DC  N1    C2     sing N N 62  
DC  N1    C6     sing N N 63  
DC  C2    O2     doub N N 64  
DC  C2    N3     sing N N 65  
DC  N3    C4     doub N N 66  
DC  C4    N4     sing N N 67  
DC  C4    C5     sing N N 68  
DC  N4    H41    sing N N 69  
DC  N4    H42    sing N N 70  
DC  C5    C6     doub N N 71  
DC  C5    H5     sing N N 72  
DC  C6    H6     sing N N 73  
DG  OP3   P      sing N N 74  
DG  OP3   HOP3   sing N N 75  
DG  P     OP1    doub N N 76  
DG  P     OP2    sing N N 77  
DG  P     "O5'"  sing N N 78  
DG  OP2   HOP2   sing N N 79  
DG  "O5'" "C5'"  sing N N 80  
DG  "C5'" "C4'"  sing N N 81  
DG  "C5'" "H5'"  sing N N 82  
DG  "C5'" "H5''" sing N N 83  
DG  "C4'" "O4'"  sing N N 84  
DG  "C4'" "C3'"  sing N N 85  
DG  "C4'" "H4'"  sing N N 86  
DG  "O4'" "C1'"  sing N N 87  
DG  "C3'" "O3'"  sing N N 88  
DG  "C3'" "C2'"  sing N N 89  
DG  "C3'" "H3'"  sing N N 90  
DG  "O3'" "HO3'" sing N N 91  
DG  "C2'" "C1'"  sing N N 92  
DG  "C2'" "H2'"  sing N N 93  
DG  "C2'" "H2''" sing N N 94  
DG  "C1'" N9     sing N N 95  
DG  "C1'" "H1'"  sing N N 96  
DG  N9    C8     sing Y N 97  
DG  N9    C4     sing Y N 98  
DG  C8    N7     doub Y N 99  
DG  C8    H8     sing N N 100 
DG  N7    C5     sing Y N 101 
DG  C5    C6     sing N N 102 
DG  C5    C4     doub Y N 103 
DG  C6    O6     doub N N 104 
DG  C6    N1     sing N N 105 
DG  N1    C2     sing N N 106 
DG  N1    H1     sing N N 107 
DG  C2    N2     sing N N 108 
DG  C2    N3     doub N N 109 
DG  N2    H21    sing N N 110 
DG  N2    H22    sing N N 111 
DG  N3    C4     sing N N 112 
HOH O     H1     sing N N 113 
HOH O     H2     sing N N 114 
# 
_ndb_struct_conf_na.entry_id   1F6E 
_ndb_struct_conf_na.feature    'a-form double helix' 
# 
loop_
_ndb_struct_na_base_pair.model_number 
_ndb_struct_na_base_pair.i_label_asym_id 
_ndb_struct_na_base_pair.i_label_comp_id 
_ndb_struct_na_base_pair.i_label_seq_id 
_ndb_struct_na_base_pair.i_symmetry 
_ndb_struct_na_base_pair.j_label_asym_id 
_ndb_struct_na_base_pair.j_label_comp_id 
_ndb_struct_na_base_pair.j_label_seq_id 
_ndb_struct_na_base_pair.j_symmetry 
_ndb_struct_na_base_pair.shear 
_ndb_struct_na_base_pair.stretch 
_ndb_struct_na_base_pair.stagger 
_ndb_struct_na_base_pair.buckle 
_ndb_struct_na_base_pair.propeller 
_ndb_struct_na_base_pair.opening 
_ndb_struct_na_base_pair.pair_number 
_ndb_struct_na_base_pair.pair_name 
_ndb_struct_na_base_pair.i_auth_asym_id 
_ndb_struct_na_base_pair.i_auth_seq_id 
_ndb_struct_na_base_pair.i_PDB_ins_code 
_ndb_struct_na_base_pair.j_auth_asym_id 
_ndb_struct_na_base_pair.j_auth_seq_id 
_ndb_struct_na_base_pair.j_PDB_ins_code 
_ndb_struct_na_base_pair.hbond_type_28 
_ndb_struct_na_base_pair.hbond_type_12 
1 A DG  1 1_555 B DC  6 1_555 -0.163 -0.165 -0.106 -7.650 -1.524  -1.732 1  A_DG1:DC12_B   A 1  ? B 12 ? 19 1 
1 A DG  2 1_555 B 5CM 5 1_555 -0.385 -0.120 -0.031 -1.725 -8.138  1.994  2  A_DG2:5CM11_B  A 2  ? B 11 ? 19 1 
1 A DC  3 1_555 B DG  4 1_555 0.391  -0.092 -0.201 2.595  -10.939 6.316  3  A_DC3:DG10_B   A 3  ? B 10 ? 19 1 
1 A DG  4 1_555 B DC  3 1_555 -0.325 -0.033 -0.241 -8.243 -11.347 4.081  4  A_DG4:DC9_B    A 4  ? B 9  ? 19 1 
1 A 5CM 5 1_555 B DG  2 1_555 0.225  -0.213 -0.129 6.205  -10.319 0.986  5  A_5CM5:DG8_B   A 5  ? B 8  ? 19 1 
1 A DC  6 1_555 B DG  1 1_555 0.337  -0.291 -0.121 9.012  -5.039  -0.673 6  A_DC6:DG7_B    A 6  ? B 7  ? 19 1 
1 C DG  1 1_555 D DC  6 1_555 -0.333 -0.181 0.149  -7.875 -7.149  1.122  7  C_DG13:DC24_D  C 13 ? D 24 ? 19 1 
1 C DG  2 1_555 D 5CM 5 1_555 -0.308 -0.217 0.001  -0.968 -11.320 -1.445 8  C_DG14:5CM23_D C 14 ? D 23 ? 19 1 
1 C DC  3 1_555 D DG  4 1_555 0.240  -0.110 -0.279 9.105  -11.515 4.313  9  C_DC15:DG22_D  C 15 ? D 22 ? 19 1 
1 C DG  4 1_555 D DC  3 1_555 -0.221 -0.084 0.024  -2.693 -7.721  5.051  10 C_DG16:DC21_D  C 16 ? D 21 ? 19 1 
1 C 5CM 5 1_555 D DG  2 1_555 0.321  -0.177 -0.239 4.377  -8.964  0.879  11 C_5CM17:DG20_D C 17 ? D 20 ? 19 1 
1 C DC  6 1_555 D DG  1 1_555 0.271  -0.177 0.074  5.589  -3.553  -0.450 12 C_DC18:DG19_D  C 18 ? D 19 ? 19 1 
1 E DG  2 1_555 F 5CM 5 1_555 -0.438 -0.054 -0.049 -4.749 -8.494  0.477  13 E_DG26:5CM35_F E 26 ? F 35 ? 19 1 
1 E DC  3 1_555 F DG  4 1_555 -0.015 -0.355 -0.077 3.248  -13.530 -0.843 14 E_DC27:DG34_F  E 27 ? F 34 ? 19 1 
1 E DG  4 1_555 F DC  3 1_555 -0.299 -0.410 -0.188 -5.175 -11.770 0.459  15 E_DG28:DC33_F  E 28 ? F 33 ? 19 1 
1 E 5CM 5 1_555 F DG  2 1_555 0.245  -0.196 0.078  -0.122 -10.437 1.209  16 E_5CM29:DG32_F E 29 ? F 32 ? 19 1 
1 E DC  6 1_555 F DG  1 1_555 0.359  -0.101 -0.010 5.211  -6.490  -1.486 17 E_DC30:DG31_F  E 30 ? F 31 ? 19 1 
# 
loop_
_ndb_struct_na_base_pair_step.model_number 
_ndb_struct_na_base_pair_step.i_label_asym_id_1 
_ndb_struct_na_base_pair_step.i_label_comp_id_1 
_ndb_struct_na_base_pair_step.i_label_seq_id_1 
_ndb_struct_na_base_pair_step.i_symmetry_1 
_ndb_struct_na_base_pair_step.j_label_asym_id_1 
_ndb_struct_na_base_pair_step.j_label_comp_id_1 
_ndb_struct_na_base_pair_step.j_label_seq_id_1 
_ndb_struct_na_base_pair_step.j_symmetry_1 
_ndb_struct_na_base_pair_step.i_label_asym_id_2 
_ndb_struct_na_base_pair_step.i_label_comp_id_2 
_ndb_struct_na_base_pair_step.i_label_seq_id_2 
_ndb_struct_na_base_pair_step.i_symmetry_2 
_ndb_struct_na_base_pair_step.j_label_asym_id_2 
_ndb_struct_na_base_pair_step.j_label_comp_id_2 
_ndb_struct_na_base_pair_step.j_label_seq_id_2 
_ndb_struct_na_base_pair_step.j_symmetry_2 
_ndb_struct_na_base_pair_step.shift 
_ndb_struct_na_base_pair_step.slide 
_ndb_struct_na_base_pair_step.rise 
_ndb_struct_na_base_pair_step.tilt 
_ndb_struct_na_base_pair_step.roll 
_ndb_struct_na_base_pair_step.twist 
_ndb_struct_na_base_pair_step.x_displacement 
_ndb_struct_na_base_pair_step.y_displacement 
_ndb_struct_na_base_pair_step.helical_rise 
_ndb_struct_na_base_pair_step.inclination 
_ndb_struct_na_base_pair_step.tip 
_ndb_struct_na_base_pair_step.helical_twist 
_ndb_struct_na_base_pair_step.step_number 
_ndb_struct_na_base_pair_step.step_name 
_ndb_struct_na_base_pair_step.i_auth_asym_id_1 
_ndb_struct_na_base_pair_step.i_auth_seq_id_1 
_ndb_struct_na_base_pair_step.i_PDB_ins_code_1 
_ndb_struct_na_base_pair_step.j_auth_asym_id_1 
_ndb_struct_na_base_pair_step.j_auth_seq_id_1 
_ndb_struct_na_base_pair_step.j_PDB_ins_code_1 
_ndb_struct_na_base_pair_step.i_auth_asym_id_2 
_ndb_struct_na_base_pair_step.i_auth_seq_id_2 
_ndb_struct_na_base_pair_step.i_PDB_ins_code_2 
_ndb_struct_na_base_pair_step.j_auth_asym_id_2 
_ndb_struct_na_base_pair_step.j_auth_seq_id_2 
_ndb_struct_na_base_pair_step.j_PDB_ins_code_2 
1 A DG  1 1_555 B DC  6 1_555 A DG  2 1_555 B 5CM 5 1_555 0.006  -1.899 3.237 -2.255 6.306  29.373 -4.854 -0.440 2.771 12.236 
4.376  30.111 1  AA_DG1DG2:5CM11DC12_BB   A 1  ? B 12 ? A 2  ? B 11 ? 
1 A DG  2 1_555 B 5CM 5 1_555 A DC  3 1_555 B DG  4 1_555 0.235  -1.668 3.278 0.604  4.692  33.131 -3.647 -0.311 3.024 8.177  
-1.052 33.458 2  AA_DG2DC3:DG105CM11_BB   A 2  ? B 11 ? A 3  ? B 10 ? 
1 A DC  3 1_555 B DG  4 1_555 A DG  4 1_555 B DC  3 1_555 -0.399 -1.953 3.568 -0.027 14.682 23.855 -7.281 0.821  2.043 31.938 
0.059  27.955 3  AA_DC3DG4:DC9DG10_BB     A 3  ? B 10 ? A 4  ? B 9  ? 
1 A DG  4 1_555 B DC  3 1_555 A 5CM 5 1_555 B DG  2 1_555 -0.685 -1.159 3.084 -1.550 4.663  31.686 -2.874 0.983  2.917 8.476  
2.817  32.055 4  AA_DG45CM5:DG8DC9_BB     A 4  ? B 9  ? A 5  ? B 8  ? 
1 A 5CM 5 1_555 B DG  2 1_555 A DC  6 1_555 B DG  1 1_555 0.652  -1.331 3.252 1.558  6.878  31.875 -3.514 -0.902 2.936 12.336 
-2.795 32.626 5  AA_5CM5DC6:DG7DG8_BB     A 5  ? B 8  ? A 6  ? B 7  ? 
1 C DG  1 1_555 D DC  6 1_555 C DG  2 1_555 D 5CM 5 1_555 -0.832 -0.998 3.114 -2.148 7.454  32.705 -2.859 1.114  2.871 13.010 
3.750  33.588 6  CC_DG13DG14:5CM23DC24_DD C 13 ? D 24 ? C 14 ? D 23 ? 
1 C DG  2 1_555 D 5CM 5 1_555 C DC  3 1_555 D DG  4 1_555 0.653  -0.834 3.119 1.515  7.627  33.389 -2.533 -0.886 2.890 13.055 
-2.593 34.257 7  CC_DG14DC15:DG225CM23_DD C 14 ? D 23 ? C 15 ? D 22 ? 
1 C DC  3 1_555 D DG  4 1_555 C DG  4 1_555 D DC  3 1_555 0.101  -1.856 3.491 -3.426 17.297 26.879 -6.192 -0.744 1.945 33.075 
6.550  32.058 8  CC_DC15DG16:DC21DG22_DD  C 15 ? D 22 ? C 16 ? D 21 ? 
1 C DG  4 1_555 D DC  3 1_555 C 5CM 5 1_555 D DG  2 1_555 -0.517 -1.483 3.193 2.157  4.384  32.896 -3.282 1.244  2.938 7.688  
-3.783 33.247 9  CC_DG165CM17:DG20DC21_DD C 16 ? D 21 ? C 17 ? D 20 ? 
1 C 5CM 5 1_555 D DG  2 1_555 C DC  6 1_555 D DG  1 1_555 0.605  -1.886 3.289 0.363  7.325  29.241 -5.031 -1.094 2.753 14.229 
-0.706 30.127 10 CC_5CM17DC18:DG19DG20_DD C 17 ? D 20 ? C 18 ? D 19 ? 
1 E DG  2 1_555 F 5CM 5 1_555 E DC  3 1_555 F DG  4 1_555 -0.602 -1.134 3.154 -1.884 3.486  37.168 -2.207 0.702  3.064 5.451  
2.945  37.371 11 EE_DG26DC27:DG345CM35_FF E 26 ? F 35 ? E 27 ? F 34 ? 
1 E DC  3 1_555 F DG  4 1_555 E DG  4 1_555 F DC  3 1_555 0.769  -1.690 3.467 1.102  16.556 27.733 -5.786 -1.203 2.168 31.248 
-2.079 32.234 12 EE_DC27DG28:DC33DG34_FF  E 27 ? F 34 ? E 28 ? F 33 ? 
1 E DG  4 1_555 F DC  3 1_555 E 5CM 5 1_555 F DG  2 1_555 -0.472 -1.468 3.168 -2.451 11.371 35.419 -3.671 0.443  2.616 18.097 
3.900  37.222 13 EE_DG285CM29:DG32DC33_FF E 28 ? F 33 ? E 29 ? F 32 ? 
1 E 5CM 5 1_555 F DG  2 1_555 E DC  6 1_555 F DG  1 1_555 0.698  -1.256 3.183 3.125  6.621  33.703 -3.095 -0.719 2.941 11.255 
-5.313 34.467 14 EE_5CM29DC30:DG31DG32_FF E 29 ? F 32 ? E 30 ? F 31 ? 
# 
_atom_sites.entry_id                    1F6E 
_atom_sites.fract_transf_matrix[1][1]   0.00129072 
_atom_sites.fract_transf_matrix[1][2]   -0.02640693 
_atom_sites.fract_transf_matrix[1][3]   -0.00539355 
_atom_sites.fract_transf_matrix[2][1]   0.00691665 
_atom_sites.fract_transf_matrix[2][2]   -0.00372777 
_atom_sites.fract_transf_matrix[2][3]   0.01990644 
_atom_sites.fract_transf_matrix[3][1]   -0.00853824 
_atom_sites.fract_transf_matrix[3][2]   -0.00098557 
_atom_sites.fract_transf_matrix[3][3]   0.00278212 
_atom_sites.fract_transf_vector[1]      0.369302 
_atom_sites.fract_transf_vector[2]      0.766616 
_atom_sites.fract_transf_vector[3]      0.608429 
# 
loop_
_atom_type.symbol 
C 
N 
O 
P 
# 
loop_
_atom_site.group_PDB 
_atom_site.id 
_atom_site.type_symbol 
_atom_site.label_atom_id 
_atom_site.label_alt_id 
_atom_site.label_comp_id 
_atom_site.label_asym_id 
_atom_site.label_entity_id 
_atom_site.label_seq_id 
_atom_site.pdbx_PDB_ins_code 
_atom_site.Cartn_x 
_atom_site.Cartn_y 
_atom_site.Cartn_z 
_atom_site.occupancy 
_atom_site.B_iso_or_equiv 
_atom_site.pdbx_formal_charge 
_atom_site.auth_seq_id 
_atom_site.auth_comp_id 
_atom_site.auth_asym_id 
_atom_site.auth_atom_id 
_atom_site.pdbx_PDB_model_num 
ATOM   1   O "O5'" . DG  A 1 1 ? -10.241 -0.891  3.573   1.00 27.47 ? 1   DG  A "O5'" 1 
ATOM   2   C "C5'" . DG  A 1 1 ? -10.157 0.303   2.783   1.00 25.72 ? 1   DG  A "C5'" 1 
ATOM   3   C "C4'" . DG  A 1 1 ? -8.840  0.450   2.057   1.00 25.83 ? 1   DG  A "C4'" 1 
ATOM   4   O "O4'" . DG  A 1 1 ? -7.752  0.448   3.011   1.00 18.43 ? 1   DG  A "O4'" 1 
ATOM   5   C "C3'" . DG  A 1 1 ? -8.508  -0.698  1.112   1.00 27.38 ? 1   DG  A "C3'" 1 
ATOM   6   O "O3'" . DG  A 1 1 ? -9.103  -0.483  -0.167  1.00 31.50 ? 1   DG  A "O3'" 1 
ATOM   7   C "C2'" . DG  A 1 1 ? -6.996  -0.603  1.028   1.00 25.26 ? 1   DG  A "C2'" 1 
ATOM   8   C "C1'" . DG  A 1 1 ? -6.626  -0.235  2.460   1.00 21.91 ? 1   DG  A "C1'" 1 
ATOM   9   N N9    . DG  A 1 1 ? -6.361  -1.413  3.282   1.00 23.62 ? 1   DG  A N9    1 
ATOM   10  C C8    . DG  A 1 1 ? -7.158  -1.930  4.275   1.00 22.42 ? 1   DG  A C8    1 
ATOM   11  N N7    . DG  A 1 1 ? -6.662  -3.006  4.823   1.00 23.27 ? 1   DG  A N7    1 
ATOM   12  C C5    . DG  A 1 1 ? -5.462  -3.212  4.154   1.00 23.22 ? 1   DG  A C5    1 
ATOM   13  C C6    . DG  A 1 1 ? -4.523  -4.272  4.259   1.00 23.81 ? 1   DG  A C6    1 
ATOM   14  O O6    . DG  A 1 1 ? -4.529  -5.231  5.034   1.00 24.70 ? 1   DG  A O6    1 
ATOM   15  N N1    . DG  A 1 1 ? -3.494  -4.143  3.331   1.00 22.32 ? 1   DG  A N1    1 
ATOM   16  C C2    . DG  A 1 1 ? -3.386  -3.128  2.414   1.00 24.56 ? 1   DG  A C2    1 
ATOM   17  N N2    . DG  A 1 1 ? -2.326  -3.188  1.590   1.00 20.90 ? 1   DG  A N2    1 
ATOM   18  N N3    . DG  A 1 1 ? -4.256  -2.131  2.307   1.00 23.53 ? 1   DG  A N3    1 
ATOM   19  C C4    . DG  A 1 1 ? -5.260  -2.236  3.202   1.00 20.76 ? 1   DG  A C4    1 
ATOM   20  P P     . DG  A 1 2 ? -9.619  -1.744  -1.019  1.00 36.29 ? 2   DG  A P     1 
ATOM   21  O OP1   . DG  A 1 2 ? -10.467 -1.202  -2.108  1.00 35.68 ? 2   DG  A OP1   1 
ATOM   22  O OP2   . DG  A 1 2 ? -10.182 -2.742  -0.077  1.00 35.44 ? 2   DG  A OP2   1 
ATOM   23  O "O5'" . DG  A 1 2 ? -8.292  -2.362  -1.655  1.00 30.01 ? 2   DG  A "O5'" 1 
ATOM   24  C "C5'" . DG  A 1 2 ? -7.379  -1.539  -2.381  1.00 31.73 ? 2   DG  A "C5'" 1 
ATOM   25  C "C4'" . DG  A 1 2 ? -6.099  -2.289  -2.675  1.00 34.28 ? 2   DG  A "C4'" 1 
ATOM   26  O "O4'" . DG  A 1 2 ? -5.275  -2.402  -1.492  1.00 32.48 ? 2   DG  A "O4'" 1 
ATOM   27  C "C3'" . DG  A 1 2 ? -6.250  -3.729  -3.150  1.00 32.61 ? 2   DG  A "C3'" 1 
ATOM   28  O "O3'" . DG  A 1 2 ? -6.557  -3.776  -4.543  1.00 34.45 ? 2   DG  A "O3'" 1 
ATOM   29  C "C2'" . DG  A 1 2 ? -4.854  -4.262  -2.895  1.00 32.92 ? 2   DG  A "C2'" 1 
ATOM   30  C "C1'" . DG  A 1 2 ? -4.518  -3.609  -1.559  1.00 32.17 ? 2   DG  A "C1'" 1 
ATOM   31  N N9    . DG  A 1 2 ? -4.911  -4.445  -0.431  1.00 31.06 ? 2   DG  A N9    1 
ATOM   32  C C8    . DG  A 1 2 ? -6.050  -4.339  0.331   1.00 28.80 ? 2   DG  A C8    1 
ATOM   33  N N7    . DG  A 1 2 ? -6.130  -5.250  1.263   1.00 27.99 ? 2   DG  A N7    1 
ATOM   34  C C5    . DG  A 1 2 ? -4.971  -6.000  1.109   1.00 25.86 ? 2   DG  A C5    1 
ATOM   35  C C6    . DG  A 1 2 ? -4.533  -7.170  1.788   1.00 25.57 ? 2   DG  A C6    1 
ATOM   36  O O6    . DG  A 1 2 ? -5.061  -7.758  2.739   1.00 25.94 ? 2   DG  A O6    1 
ATOM   37  N N1    . DG  A 1 2 ? -3.349  -7.655  1.252   1.00 24.70 ? 2   DG  A N1    1 
ATOM   38  C C2    . DG  A 1 2 ? -2.668  -7.094  0.201   1.00 28.51 ? 2   DG  A C2    1 
ATOM   39  N N2    . DG  A 1 2 ? -1.542  -7.720  -0.173  1.00 25.10 ? 2   DG  A N2    1 
ATOM   40  N N3    . DG  A 1 2 ? -3.059  -6.004  -0.436  1.00 26.69 ? 2   DG  A N3    1 
ATOM   41  C C4    . DG  A 1 2 ? -4.209  -5.514  0.068   1.00 27.01 ? 2   DG  A C4    1 
ATOM   42  P P     . DC  A 1 3 ? -7.202  -5.106  -5.167  1.00 38.07 ? 3   DC  A P     1 
ATOM   43  O OP1   . DC  A 1 3 ? -7.361  -4.859  -6.622  1.00 40.05 ? 3   DC  A OP1   1 
ATOM   44  O OP2   . DC  A 1 3 ? -8.369  -5.514  -4.350  1.00 33.28 ? 3   DC  A OP2   1 
ATOM   45  O "O5'" . DC  A 1 3 ? -6.078  -6.216  -4.966  1.00 33.10 ? 3   DC  A "O5'" 1 
ATOM   46  C "C5'" . DC  A 1 3 ? -4.889  -6.201  -5.749  1.00 30.02 ? 3   DC  A "C5'" 1 
ATOM   47  C "C4'" . DC  A 1 3 ? -4.023  -7.386  -5.395  1.00 27.42 ? 3   DC  A "C4'" 1 
ATOM   48  O "O4'" . DC  A 1 3 ? -3.677  -7.329  -3.993  1.00 24.40 ? 3   DC  A "O4'" 1 
ATOM   49  C "C3'" . DC  A 1 3 ? -4.702  -8.743  -5.555  1.00 24.48 ? 3   DC  A "C3'" 1 
ATOM   50  O "O3'" . DC  A 1 3 ? -4.602  -9.174  -6.912  1.00 29.69 ? 3   DC  A "O3'" 1 
ATOM   51  C "C2'" . DC  A 1 3 ? -3.850  -9.606  -4.645  1.00 24.00 ? 3   DC  A "C2'" 1 
ATOM   52  C "C1'" . DC  A 1 3 ? -3.554  -8.654  -3.486  1.00 28.22 ? 3   DC  A "C1'" 1 
ATOM   53  N N1    . DC  A 1 3 ? -4.491  -8.799  -2.366  1.00 26.67 ? 3   DC  A N1    1 
ATOM   54  C C2    . DC  A 1 3 ? -4.235  -9.784  -1.424  1.00 26.69 ? 3   DC  A C2    1 
ATOM   55  O O2    . DC  A 1 3 ? -3.215  -10.469 -1.553  1.00 23.04 ? 3   DC  A O2    1 
ATOM   56  N N3    . DC  A 1 3 ? -5.099  -9.970  -0.397  1.00 27.44 ? 3   DC  A N3    1 
ATOM   57  C C4    . DC  A 1 3 ? -6.185  -9.202  -0.294  1.00 28.49 ? 3   DC  A C4    1 
ATOM   58  N N4    . DC  A 1 3 ? -7.017  -9.437  0.731   1.00 25.90 ? 3   DC  A N4    1 
ATOM   59  C C5    . DC  A 1 3 ? -6.467  -8.167  -1.235  1.00 26.81 ? 3   DC  A C5    1 
ATOM   60  C C6    . DC  A 1 3 ? -5.599  -8.003  -2.249  1.00 29.70 ? 3   DC  A C6    1 
ATOM   61  P P     . DG  A 1 4 ? -5.658  -10.232 -7.499  1.00 29.68 ? 4   DG  A P     1 
ATOM   62  O OP1   . DG  A 1 4 ? -5.329  -10.378 -8.936  1.00 33.24 ? 4   DG  A OP1   1 
ATOM   63  O OP2   . DG  A 1 4 ? -7.039  -9.865  -7.090  1.00 28.91 ? 4   DG  A OP2   1 
ATOM   64  O "O5'" . DG  A 1 4 ? -5.272  -11.598 -6.785  1.00 28.91 ? 4   DG  A "O5'" 1 
ATOM   65  C "C5'" . DG  A 1 4 ? -4.025  -12.226 -7.049  1.00 22.74 ? 4   DG  A "C5'" 1 
ATOM   66  C "C4'" . DG  A 1 4 ? -3.881  -13.459 -6.188  1.00 25.33 ? 4   DG  A "C4'" 1 
ATOM   67  O "O4'" . DG  A 1 4 ? -3.801  -13.083 -4.798  1.00 24.65 ? 4   DG  A "O4'" 1 
ATOM   68  C "C3'" . DG  A 1 4 ? -5.074  -14.406 -6.212  1.00 23.92 ? 4   DG  A "C3'" 1 
ATOM   69  O "O3'" . DG  A 1 4 ? -5.044  -15.233 -7.368  1.00 24.44 ? 4   DG  A "O3'" 1 
ATOM   70  C "C2'" . DG  A 1 4 ? -4.821  -15.226 -4.962  1.00 20.08 ? 4   DG  A "C2'" 1 
ATOM   71  C "C1'" . DG  A 1 4 ? -4.250  -14.182 -4.008  1.00 22.04 ? 4   DG  A "C1'" 1 
ATOM   72  N N9    . DG  A 1 4 ? -5.257  -13.692 -3.078  1.00 21.62 ? 4   DG  A N9    1 
ATOM   73  C C8    . DG  A 1 4 ? -6.015  -12.546 -3.164  1.00 22.09 ? 4   DG  A C8    1 
ATOM   74  N N7    . DG  A 1 4 ? -6.836  -12.401 -2.155  1.00 20.46 ? 4   DG  A N7    1 
ATOM   75  C C5    . DG  A 1 4 ? -6.600  -13.518 -1.359  1.00 19.48 ? 4   DG  A C5    1 
ATOM   76  C C6    . DG  A 1 4 ? -7.202  -13.931 -0.141  1.00 21.94 ? 4   DG  A C6    1 
ATOM   77  O O6    . DG  A 1 4 ? -8.075  -13.360 0.520   1.00 19.40 ? 4   DG  A O6    1 
ATOM   78  N N1    . DG  A 1 4 ? -6.686  -15.147 0.299   1.00 21.23 ? 4   DG  A N1    1 
ATOM   79  C C2    . DG  A 1 4 ? -5.717  -15.876 -0.345  1.00 21.23 ? 4   DG  A C2    1 
ATOM   80  N N2    . DG  A 1 4 ? -5.358  -17.032 0.233   1.00 20.37 ? 4   DG  A N2    1 
ATOM   81  N N3    . DG  A 1 4 ? -5.143  -15.500 -1.473  1.00 18.76 ? 4   DG  A N3    1 
ATOM   82  C C4    . DG  A 1 4 ? -5.630  -14.323 -1.919  1.00 20.04 ? 4   DG  A C4    1 
HETATM 83  N N1    . 5CM A 1 5 ? -7.578  -18.163 -3.065  1.00 18.01 ? 5   5CM A N1    1 
HETATM 84  C C2    . 5CM A 1 5 ? -8.113  -18.301 -1.783  1.00 20.64 ? 5   5CM A C2    1 
HETATM 85  N N3    . 5CM A 1 5 ? -8.901  -17.323 -1.288  1.00 20.87 ? 5   5CM A N3    1 
HETATM 86  C C4    . 5CM A 1 5 ? -9.165  -16.245 -2.021  1.00 18.98 ? 5   5CM A C4    1 
HETATM 87  C C5    . 5CM A 1 5 ? -8.652  -16.088 -3.340  1.00 17.87 ? 5   5CM A C5    1 
HETATM 88  C C5A   . 5CM A 1 5 ? -9.018  -14.871 -4.130  1.00 18.16 ? 5   5CM A C5A   1 
HETATM 89  C C6    . 5CM A 1 5 ? -7.864  -17.059 -3.817  1.00 16.33 ? 5   5CM A C6    1 
HETATM 90  O O2    . 5CM A 1 5 ? -7.857  -19.328 -1.130  1.00 17.06 ? 5   5CM A O2    1 
HETATM 91  N N4    . 5CM A 1 5 ? -9.930  -15.296 -1.471  1.00 18.22 ? 5   5CM A N4    1 
HETATM 92  C "C1'" . 5CM A 1 5 ? -6.716  -19.232 -3.582  1.00 19.41 ? 5   5CM A "C1'" 1 
HETATM 93  C "C2'" . 5CM A 1 5 ? -7.508  -20.286 -4.357  1.00 15.36 ? 5   5CM A "C2'" 1 
HETATM 94  C "C3'" . 5CM A 1 5 ? -7.392  -19.771 -5.780  1.00 19.58 ? 5   5CM A "C3'" 1 
HETATM 95  C "C4'" . 5CM A 1 5 ? -5.952  -19.273 -5.797  1.00 23.88 ? 5   5CM A "C4'" 1 
HETATM 96  O "O4'" . 5CM A 1 5 ? -5.794  -18.648 -4.504  1.00 21.82 ? 5   5CM A "O4'" 1 
HETATM 97  O "O3'" . 5CM A 1 5 ? -7.586  -20.819 -6.738  1.00 20.47 ? 5   5CM A "O3'" 1 
HETATM 98  C "C5'" . 5CM A 1 5 ? -5.633  -18.282 -6.891  1.00 22.52 ? 5   5CM A "C5'" 1 
HETATM 99  O "O5'" . 5CM A 1 5 ? -6.549  -17.192 -6.849  1.00 24.38 ? 5   5CM A "O5'" 1 
HETATM 100 P P     . 5CM A 1 5 ? -6.392  -15.960 -7.846  1.00 26.93 ? 5   5CM A P     1 
HETATM 101 O OP1   . 5CM A 1 5 ? -6.100  -16.473 -9.205  1.00 25.58 ? 5   5CM A OP1   1 
HETATM 102 O OP2   . 5CM A 1 5 ? -7.545  -15.047 -7.628  1.00 24.24 ? 5   5CM A OP2   1 
ATOM   103 P P     . DC  A 1 6 ? -9.039  -21.033 -7.402  1.00 24.29 ? 6   DC  A P     1 
ATOM   104 O OP1   . DC  A 1 6 ? -8.888  -22.125 -8.395  1.00 26.95 ? 6   DC  A OP1   1 
ATOM   105 O OP2   . DC  A 1 6 ? -9.598  -19.731 -7.837  1.00 19.59 ? 6   DC  A OP2   1 
ATOM   106 O "O5'" . DC  A 1 6 ? -9.935  -21.572 -6.195  1.00 19.56 ? 6   DC  A "O5'" 1 
ATOM   107 C "C5'" . DC  A 1 6 ? -9.648  -22.838 -5.599  1.00 16.19 ? 6   DC  A "C5'" 1 
ATOM   108 C "C4'" . DC  A 1 6 ? -10.411 -23.011 -4.305  1.00 18.56 ? 6   DC  A "C4'" 1 
ATOM   109 O "O4'" . DC  A 1 6 ? -10.049 -21.998 -3.343  1.00 19.64 ? 6   DC  A "O4'" 1 
ATOM   110 C "C3'" . DC  A 1 6 ? -11.926 -22.891 -4.412  1.00 22.96 ? 6   DC  A "C3'" 1 
ATOM   111 O "O3'" . DC  A 1 6 ? -12.463 -24.100 -4.937  1.00 17.73 ? 6   DC  A "O3'" 1 
ATOM   112 C "C2'" . DC  A 1 6 ? -12.305 -22.654 -2.961  1.00 18.66 ? 6   DC  A "C2'" 1 
ATOM   113 C "C1'" . DC  A 1 6 ? -11.154 -21.771 -2.468  1.00 19.81 ? 6   DC  A "C1'" 1 
ATOM   114 N N1    . DC  A 1 6 ? -11.488 -20.340 -2.515  1.00 18.35 ? 6   DC  A N1    1 
ATOM   115 C C2    . DC  A 1 6 ? -12.119 -19.773 -1.410  1.00 20.65 ? 6   DC  A C2    1 
ATOM   116 O O2    . DC  A 1 6 ? -12.333 -20.485 -0.419  1.00 21.06 ? 6   DC  A O2    1 
ATOM   117 N N3    . DC  A 1 6 ? -12.482 -18.466 -1.447  1.00 17.39 ? 6   DC  A N3    1 
ATOM   118 C C4    . DC  A 1 6 ? -12.238 -17.737 -2.537  1.00 19.06 ? 6   DC  A C4    1 
ATOM   119 N N4    . DC  A 1 6 ? -12.655 -16.468 -2.542  1.00 18.08 ? 6   DC  A N4    1 
ATOM   120 C C5    . DC  A 1 6 ? -11.568 -18.283 -3.673  1.00 19.40 ? 6   DC  A C5    1 
ATOM   121 C C6    . DC  A 1 6 ? -11.210 -19.579 -3.617  1.00 19.62 ? 6   DC  A C6    1 
ATOM   122 O "O5'" . DG  B 1 1 ? -17.532 -13.276 5.953   1.00 27.99 ? 7   DG  B "O5'" 1 
ATOM   123 C "C5'" . DG  B 1 1 ? -18.119 -14.199 6.869   1.00 24.84 ? 7   DG  B "C5'" 1 
ATOM   124 C "C4'" . DG  B 1 1 ? -17.731 -15.630 6.576   1.00 26.40 ? 7   DG  B "C4'" 1 
ATOM   125 O "O4'" . DG  B 1 1 ? -18.002 -15.923 5.186   1.00 22.74 ? 7   DG  B "O4'" 1 
ATOM   126 C "C3'" . DG  B 1 1 ? -16.245 -15.938 6.736   1.00 26.23 ? 7   DG  B "C3'" 1 
ATOM   127 O "O3'" . DG  B 1 1 ? -15.924 -16.257 8.093   1.00 31.60 ? 7   DG  B "O3'" 1 
ATOM   128 C "C2'" . DG  B 1 1 ? -16.083 -17.155 5.848   1.00 24.26 ? 7   DG  B "C2'" 1 
ATOM   129 C "C1'" . DG  B 1 1 ? -17.047 -16.862 4.700   1.00 22.92 ? 7   DG  B "C1'" 1 
ATOM   130 N N9    . DG  B 1 1 ? -16.390 -16.266 3.541   1.00 23.87 ? 7   DG  B N9    1 
ATOM   131 C C8    . DG  B 1 1 ? -16.542 -14.986 3.070   1.00 24.89 ? 7   DG  B C8    1 
ATOM   132 N N7    . DG  B 1 1 ? -15.826 -14.744 2.004   1.00 21.81 ? 7   DG  B N7    1 
ATOM   133 C C5    . DG  B 1 1 ? -15.161 -15.937 1.758   1.00 23.01 ? 7   DG  B C5    1 
ATOM   134 C C6    . DG  B 1 1 ? -14.365 -16.327 0.651   1.00 22.88 ? 7   DG  B C6    1 
ATOM   135 O O6    . DG  B 1 1 ? -13.976 -15.635 -0.298  1.00 24.92 ? 7   DG  B O6    1 
ATOM   136 N N1    . DG  B 1 1 ? -14.025 -17.677 0.713   1.00 21.36 ? 7   DG  B N1    1 
ATOM   137 C C2    . DG  B 1 1 ? -14.405 -18.541 1.710   1.00 22.17 ? 7   DG  B C2    1 
ATOM   138 N N2    . DG  B 1 1 ? -13.979 -19.809 1.594   1.00 21.24 ? 7   DG  B N2    1 
ATOM   139 N N3    . DG  B 1 1 ? -15.151 -18.191 2.744   1.00 23.03 ? 7   DG  B N3    1 
ATOM   140 C C4    . DG  B 1 1 ? -15.493 -16.885 2.703   1.00 21.10 ? 7   DG  B C4    1 
ATOM   141 P P     . DG  B 1 2 ? -14.423 -16.025 8.624   1.00 34.76 ? 8   DG  B P     1 
ATOM   142 O OP1   . DG  B 1 2 ? -14.397 -16.200 10.098  1.00 33.73 ? 8   DG  B OP1   1 
ATOM   143 O OP2   . DG  B 1 2 ? -13.924 -14.766 8.023   1.00 34.26 ? 8   DG  B OP2   1 
ATOM   144 O "O5'" . DG  B 1 2 ? -13.612 -17.232 7.982   1.00 29.74 ? 8   DG  B "O5'" 1 
ATOM   145 C "C5'" . DG  B 1 2 ? -13.884 -18.576 8.359   1.00 31.24 ? 8   DG  B "C5'" 1 
ATOM   146 C "C4'" . DG  B 1 2 ? -12.919 -19.508 7.667   1.00 32.14 ? 8   DG  B "C4'" 1 
ATOM   147 O "O4'" . DG  B 1 2 ? -13.251 -19.601 6.262   1.00 32.05 ? 8   DG  B "O4'" 1 
ATOM   148 C "C3'" . DG  B 1 2 ? -11.473 -19.028 7.680   1.00 29.79 ? 8   DG  B "C3'" 1 
ATOM   149 O "O3'" . DG  B 1 2 ? -10.832 -19.425 8.896   1.00 32.37 ? 8   DG  B "O3'" 1 
ATOM   150 C "C2'" . DG  B 1 2 ? -10.896 -19.765 6.487   1.00 29.39 ? 8   DG  B "C2'" 1 
ATOM   151 C "C1'" . DG  B 1 2 ? -12.054 -19.707 5.493   1.00 31.15 ? 8   DG  B "C1'" 1 
ATOM   152 N N9    . DG  B 1 2 ? -11.992 -18.558 4.596   1.00 27.82 ? 8   DG  B N9    1 
ATOM   153 C C8    . DG  B 1 2 ? -12.511 -17.303 4.811   1.00 26.33 ? 8   DG  B C8    1 
ATOM   154 N N7    . DG  B 1 2 ? -12.279 -16.478 3.825   1.00 24.27 ? 8   DG  B N7    1 
ATOM   155 C C5    . DG  B 1 2 ? -11.571 -17.234 2.901   1.00 24.52 ? 8   DG  B C5    1 
ATOM   156 C C6    . DG  B 1 2 ? -10.891 -16.829 1.725   1.00 25.68 ? 8   DG  B C6    1 
ATOM   157 O O6    . DG  B 1 2 ? -10.929 -15.734 1.156   1.00 23.64 ? 8   DG  B O6    1 
ATOM   158 N N1    . DG  B 1 2 ? -10.102 -17.853 1.205   1.00 25.48 ? 8   DG  B N1    1 
ATOM   159 C C2    . DG  B 1 2 ? -9.991  -19.108 1.742   1.00 27.62 ? 8   DG  B C2    1 
ATOM   160 N N2    . DG  B 1 2 ? -9.183  -19.957 1.096   1.00 25.45 ? 8   DG  B N2    1 
ATOM   161 N N3    . DG  B 1 2 ? -10.624 -19.501 2.833   1.00 26.26 ? 8   DG  B N3    1 
ATOM   162 C C4    . DG  B 1 2 ? -11.388 -18.522 3.359   1.00 26.40 ? 8   DG  B C4    1 
ATOM   163 P P     . DC  B 1 3 ? -9.587  -18.577 9.451   1.00 34.82 ? 9   DC  B P     1 
ATOM   164 O OP1   . DC  B 1 3 ? -9.131  -19.238 10.702  1.00 37.09 ? 9   DC  B OP1   1 
ATOM   165 O OP2   . DC  B 1 3 ? -9.941  -17.138 9.467   1.00 32.01 ? 9   DC  B OP2   1 
ATOM   166 O "O5'" . DC  B 1 3 ? -8.448  -18.813 8.360   1.00 33.53 ? 9   DC  B "O5'" 1 
ATOM   167 C "C5'" . DC  B 1 3 ? -7.864  -20.104 8.208   1.00 28.89 ? 9   DC  B "C5'" 1 
ATOM   168 C "C4'" . DC  B 1 3 ? -7.025  -20.159 6.954   1.00 30.89 ? 9   DC  B "C4'" 1 
ATOM   169 O "O4'" . DC  B 1 3 ? -7.829  -19.827 5.804   1.00 24.75 ? 9   DC  B "O4'" 1 
ATOM   170 C "C3'" . DC  B 1 3 ? -5.895  -19.141 6.890   1.00 28.14 ? 9   DC  B "C3'" 1 
ATOM   171 O "O3'" . DC  B 1 3 ? -4.764  -19.557 7.654   1.00 30.01 ? 9   DC  B "O3'" 1 
ATOM   172 C "C2'" . DC  B 1 3 ? -5.590  -19.141 5.406   1.00 29.50 ? 9   DC  B "C2'" 1 
ATOM   173 C "C1'" . DC  B 1 3 ? -6.990  -19.241 4.810   1.00 22.60 ? 9   DC  B "C1'" 1 
ATOM   174 N N1    . DC  B 1 3 ? -7.532  -17.922 4.471   1.00 22.04 ? 9   DC  B N1    1 
ATOM   175 C C2    . DC  B 1 3 ? -7.291  -17.423 3.198   1.00 22.09 ? 9   DC  B C2    1 
ATOM   176 O O2    . DC  B 1 3 ? -6.656  -18.121 2.399   1.00 24.38 ? 9   DC  B O2    1 
ATOM   177 N N3    . DC  B 1 3 ? -7.750  -16.200 2.867   1.00 22.49 ? 9   DC  B N3    1 
ATOM   178 C C4    . DC  B 1 3 ? -8.440  -15.485 3.753   1.00 26.88 ? 9   DC  B C4    1 
ATOM   179 N N4    . DC  B 1 3 ? -8.874  -14.280 3.372   1.00 24.90 ? 9   DC  B N4    1 
ATOM   180 C C5    . DC  B 1 3 ? -8.717  -15.975 5.064   1.00 23.93 ? 9   DC  B C5    1 
ATOM   181 C C6    . DC  B 1 3 ? -8.246  -17.189 5.378   1.00 25.41 ? 9   DC  B C6    1 
ATOM   182 P P     . DG  B 1 4 ? -3.780  -18.445 8.262   1.00 33.97 ? 10  DG  B P     1 
ATOM   183 O OP1   . DG  B 1 4 ? -2.757  -19.161 9.065   1.00 37.67 ? 10  DG  B OP1   1 
ATOM   184 O OP2   . DG  B 1 4 ? -4.608  -17.389 8.892   1.00 32.02 ? 10  DG  B OP2   1 
ATOM   185 O "O5'" . DG  B 1 4 ? -3.075  -17.814 6.979   1.00 30.22 ? 10  DG  B "O5'" 1 
ATOM   186 C "C5'" . DG  B 1 4 ? -2.156  -18.588 6.214   1.00 26.06 ? 10  DG  B "C5'" 1 
ATOM   187 C "C4'" . DG  B 1 4 ? -1.720  -17.834 4.979   1.00 26.17 ? 10  DG  B "C4'" 1 
ATOM   188 O "O4'" . DG  B 1 4 ? -2.837  -17.568 4.103   1.00 25.15 ? 10  DG  B "O4'" 1 
ATOM   189 C "C3'" . DG  B 1 4 ? -1.119  -16.451 5.193   1.00 27.57 ? 10  DG  B "C3'" 1 
ATOM   190 O "O3'" . DG  B 1 4 ? 0.230   -16.545 5.659   1.00 26.42 ? 10  DG  B "O3'" 1 
ATOM   191 C "C2'" . DG  B 1 4 ? -1.154  -15.919 3.774   1.00 23.92 ? 10  DG  B "C2'" 1 
ATOM   192 C "C1'" . DG  B 1 4 ? -2.490  -16.469 3.264   1.00 25.83 ? 10  DG  B "C1'" 1 
ATOM   193 N N9    . DG  B 1 4 ? -3.541  -15.467 3.370   1.00 23.39 ? 10  DG  B N9    1 
ATOM   194 C C8    . DG  B 1 4 ? -4.409  -15.259 4.413   1.00 23.10 ? 10  DG  B C8    1 
ATOM   195 N N7    . DG  B 1 4 ? -5.201  -14.239 4.223   1.00 23.59 ? 10  DG  B N7    1 
ATOM   196 C C5    . DG  B 1 4 ? -4.837  -13.753 2.973   1.00 24.65 ? 10  DG  B C5    1 
ATOM   197 C C6    . DG  B 1 4 ? -5.207  -12.551 2.316   1.00 21.83 ? 10  DG  B C6    1 
ATOM   198 O O6    . DG  B 1 4 ? -6.066  -11.727 2.644   1.00 25.22 ? 10  DG  B O6    1 
ATOM   199 N N1    . DG  B 1 4 ? -4.457  -12.342 1.168   1.00 21.76 ? 10  DG  B N1    1 
ATOM   200 C C2    . DG  B 1 4 ? -3.465  -13.169 0.711   1.00 21.78 ? 10  DG  B C2    1 
ATOM   201 N N2    . DG  B 1 4 ? -2.853  -12.797 -0.422  1.00 17.49 ? 10  DG  B N2    1 
ATOM   202 N N3    . DG  B 1 4 ? -3.100  -14.282 1.319   1.00 22.31 ? 10  DG  B N3    1 
ATOM   203 C C4    . DG  B 1 4 ? -3.824  -14.512 2.431   1.00 22.19 ? 10  DG  B C4    1 
HETATM 204 N N1    . 5CM B 1 5 ? -0.571  -11.620 2.634   1.00 22.52 ? 11  5CM B N1    1 
HETATM 205 C C2    . 5CM B 1 5 ? -1.214  -10.538 2.045   1.00 20.62 ? 11  5CM B C2    1 
HETATM 206 N N3    . 5CM B 1 5 ? -2.312  -10.018 2.635   1.00 23.54 ? 11  5CM B N3    1 
HETATM 207 C C4    . 5CM B 1 5 ? -2.769  -10.544 3.772   1.00 21.90 ? 11  5CM B C4    1 
HETATM 208 C C5    . 5CM B 1 5 ? -2.130  -11.653 4.400   1.00 24.97 ? 11  5CM B C5    1 
HETATM 209 C C5A   . 5CM B 1 5 ? -2.679  -12.178 5.691   1.00 20.03 ? 11  5CM B C5A   1 
HETATM 210 C C6    . 5CM B 1 5 ? -1.046  -12.166 3.795   1.00 23.45 ? 11  5CM B C6    1 
HETATM 211 O O2    . 5CM B 1 5 ? -0.754  -10.080 0.985   1.00 19.62 ? 11  5CM B O2    1 
HETATM 212 N N4    . 5CM B 1 5 ? -3.860  -9.998  4.314   1.00 20.52 ? 11  5CM B N4    1 
HETATM 213 C "C1'" . 5CM B 1 5 ? 0.634   -12.131 1.979   1.00 22.66 ? 11  5CM B "C1'" 1 
HETATM 214 C "C2'" . 5CM B 1 5 ? 1.849   -11.287 2.352   1.00 22.18 ? 11  5CM B "C2'" 1 
HETATM 215 C "C3'" . 5CM B 1 5 ? 2.381   -12.047 3.548   1.00 26.27 ? 11  5CM B "C3'" 1 
HETATM 216 C "C4'" . 5CM B 1 5 ? 2.171   -13.485 3.092   1.00 26.77 ? 11  5CM B "C4'" 1 
HETATM 217 O "O4'" . 5CM B 1 5 ? 0.876   -13.451 2.457   1.00 25.90 ? 11  5CM B "O4'" 1 
HETATM 218 O "O3'" . 5CM B 1 5 ? 3.767   -11.766 3.739   1.00 27.21 ? 11  5CM B "O3'" 1 
HETATM 219 C "C5'" . 5CM B 1 5 ? 2.189   -14.532 4.182   1.00 27.98 ? 11  5CM B "C5'" 1 
HETATM 220 O "O5'" . 5CM B 1 5 ? 1.182   -14.259 5.155   1.00 25.22 ? 11  5CM B "O5'" 1 
HETATM 221 P P     . 5CM B 1 5 ? 0.920   -15.273 6.358   1.00 28.69 ? 11  5CM B P     1 
HETATM 222 O OP1   . 5CM B 1 5 ? 2.224   -15.768 6.859   1.00 31.56 ? 11  5CM B OP1   1 
HETATM 223 O OP2   . 5CM B 1 5 ? -0.037  -14.642 7.300   1.00 24.34 ? 11  5CM B OP2   1 
ATOM   224 P P     . DC  B 1 6 ? 4.212   -10.683 4.837   1.00 25.98 ? 12  DC  B P     1 
ATOM   225 O OP1   . DC  B 1 6 ? 5.679   -10.864 4.990   1.00 32.91 ? 12  DC  B OP1   1 
ATOM   226 O OP2   . DC  B 1 6 ? 3.332   -10.787 6.025   1.00 24.29 ? 12  DC  B OP2   1 
ATOM   227 O "O5'" . DC  B 1 6 ? 3.953   -9.276  4.138   1.00 24.96 ? 12  DC  B "O5'" 1 
ATOM   228 C "C5'" . DC  B 1 6 ? 4.627   -8.929  2.930   1.00 20.19 ? 12  DC  B "C5'" 1 
ATOM   229 C "C4'" . DC  B 1 6 ? 4.038   -7.671  2.333   1.00 25.32 ? 12  DC  B "C4'" 1 
ATOM   230 O "O4'" . DC  B 1 6 ? 2.647   -7.866  1.998   1.00 21.69 ? 12  DC  B "O4'" 1 
ATOM   231 C "C3'" . DC  B 1 6 ? 4.037   -6.436  3.230   1.00 22.24 ? 12  DC  B "C3'" 1 
ATOM   232 O "O3'" . DC  B 1 6 ? 5.314   -5.768  3.236   1.00 26.06 ? 12  DC  B "O3'" 1 
ATOM   233 C "C2'" . DC  B 1 6 ? 2.981   -5.577  2.560   1.00 19.98 ? 12  DC  B "C2'" 1 
ATOM   234 C "C1'" . DC  B 1 6 ? 1.967   -6.609  2.060   1.00 24.04 ? 12  DC  B "C1'" 1 
ATOM   235 N N1    . DC  B 1 6 ? 0.805   -6.767  2.951   1.00 22.23 ? 12  DC  B N1    1 
ATOM   236 C C2    . DC  B 1 6 ? -0.283  -5.911  2.793   1.00 20.51 ? 12  DC  B C2    1 
ATOM   237 O O2    . DC  B 1 6 ? -0.230  -5.038  1.920   1.00 20.92 ? 12  DC  B O2    1 
ATOM   238 N N3    . DC  B 1 6 ? -1.364  -6.050  3.598   1.00 20.50 ? 12  DC  B N3    1 
ATOM   239 C C4    . DC  B 1 6 ? -1.375  -6.997  4.536   1.00 22.58 ? 12  DC  B C4    1 
ATOM   240 N N4    . DC  B 1 6 ? -2.461  -7.094  5.315   1.00 22.24 ? 12  DC  B N4    1 
ATOM   241 C C5    . DC  B 1 6 ? -0.275  -7.886  4.721   1.00 23.33 ? 12  DC  B C5    1 
ATOM   242 C C6    . DC  B 1 6 ? 0.785   -7.737  3.914   1.00 22.10 ? 12  DC  B C6    1 
ATOM   243 O "O5'" . DG  C 1 1 ? 13.535  -2.127  -7.491  1.00 41.41 ? 13  DG  C "O5'" 1 
ATOM   244 C "C5'" . DG  C 1 1 ? 12.957  -3.350  -7.961  1.00 28.60 ? 13  DG  C "C5'" 1 
ATOM   245 C "C4'" . DG  C 1 1 ? 11.509  -3.436  -7.539  1.00 28.00 ? 13  DG  C "C4'" 1 
ATOM   246 O "O4'" . DG  C 1 1 ? 11.434  -3.659  -6.114  1.00 27.30 ? 13  DG  C "O4'" 1 
ATOM   247 C "C3'" . DG  C 1 1 ? 10.707  -2.162  -7.773  1.00 26.32 ? 13  DG  C "C3'" 1 
ATOM   248 O "O3'" . DG  C 1 1 ? 10.131  -2.188  -9.080  1.00 29.10 ? 13  DG  C "O3'" 1 
ATOM   249 C "C2'" . DG  C 1 1 ? 9.611   -2.272  -6.728  1.00 26.69 ? 13  DG  C "C2'" 1 
ATOM   250 C "C1'" . DG  C 1 1 ? 10.303  -2.980  -5.572  1.00 26.81 ? 13  DG  C "C1'" 1 
ATOM   251 N N9    . DG  C 1 1 ? 10.787  -2.072  -4.535  1.00 25.33 ? 13  DG  C N9    1 
ATOM   252 C C8    . DG  C 1 1 ? 12.093  -1.710  -4.312  1.00 23.55 ? 13  DG  C C8    1 
ATOM   253 N N7    . DG  C 1 1 ? 12.230  -0.887  -3.308  1.00 25.30 ? 13  DG  C N7    1 
ATOM   254 C C5    . DG  C 1 1 ? 10.939  -0.695  -2.839  1.00 22.80 ? 13  DG  C C5    1 
ATOM   255 C C6    . DG  C 1 1 ? 10.470  0.076   -1.749  1.00 23.97 ? 13  DG  C C6    1 
ATOM   256 O O6    . DG  C 1 1 ? 11.124  0.763   -0.961  1.00 23.35 ? 13  DG  C O6    1 
ATOM   257 N N1    . DG  C 1 1 ? 9.086   -0.015  -1.612  1.00 22.60 ? 13  DG  C N1    1 
ATOM   258 C C2    . DG  C 1 1 ? 8.262   -0.765  -2.415  1.00 23.01 ? 13  DG  C C2    1 
ATOM   259 N N2    . DG  C 1 1 ? 6.950   -0.733  -2.112  1.00 24.11 ? 13  DG  C N2    1 
ATOM   260 N N3    . DG  C 1 1 ? 8.692   -1.496  -3.434  1.00 20.29 ? 13  DG  C N3    1 
ATOM   261 C C4    . DG  C 1 1 ? 10.033  -1.415  -3.586  1.00 22.04 ? 13  DG  C C4    1 
ATOM   262 P P     . DG  C 1 2 ? 9.795   -0.809  -9.832  1.00 33.35 ? 14  DG  C P     1 
ATOM   263 O OP1   . DG  C 1 2 ? 9.542   -1.166  -11.252 1.00 37.99 ? 14  DG  C OP1   1 
ATOM   264 O OP2   . DG  C 1 2 ? 10.841  0.186   -9.493  1.00 34.75 ? 14  DG  C OP2   1 
ATOM   265 O "O5'" . DG  C 1 2 ? 8.418   -0.331  -9.189  1.00 31.46 ? 14  DG  C "O5'" 1 
ATOM   266 C "C5'" . DG  C 1 2 ? 7.250   -1.139  -9.286  1.00 32.64 ? 14  DG  C "C5'" 1 
ATOM   267 C "C4'" . DG  C 1 2 ? 6.116   -0.515  -8.505  1.00 29.69 ? 14  DG  C "C4'" 1 
ATOM   268 O "O4'" . DG  C 1 2 ? 6.327   -0.716  -7.091  1.00 31.03 ? 14  DG  C "O4'" 1 
ATOM   269 C "C3'" . DG  C 1 2 ? 5.983   0.996   -8.665  1.00 29.74 ? 14  DG  C "C3'" 1 
ATOM   270 O "O3'" . DG  C 1 2 ? 5.161   1.297   -9.793  1.00 32.46 ? 14  DG  C "O3'" 1 
ATOM   271 C "C2'" . DG  C 1 2 ? 5.279   1.393   -7.382  1.00 30.70 ? 14  DG  C "C2'" 1 
ATOM   272 C "C1'" . DG  C 1 2 ? 5.879   0.428   -6.363  1.00 29.66 ? 14  DG  C "C1'" 1 
ATOM   273 N N9    . DG  C 1 2 ? 7.029   0.983   -5.657  1.00 27.01 ? 14  DG  C N9    1 
ATOM   274 C C8    . DG  C 1 2 ? 8.351   0.869   -6.014  1.00 26.80 ? 14  DG  C C8    1 
ATOM   275 N N7    . DG  C 1 2 ? 9.159   1.463   -5.181  1.00 26.07 ? 14  DG  C N7    1 
ATOM   276 C C5    . DG  C 1 2 ? 8.321   2.009   -4.219  1.00 27.56 ? 14  DG  C C5    1 
ATOM   277 C C6    . DG  C 1 2 ? 8.622   2.800   -3.073  1.00 29.46 ? 14  DG  C C6    1 
ATOM   278 O O6    . DG  C 1 2 ? 9.728   3.162   -2.652  1.00 25.09 ? 14  DG  C O6    1 
ATOM   279 N N1    . DG  C 1 2 ? 7.468   3.172   -2.393  1.00 26.69 ? 14  DG  C N1    1 
ATOM   280 C C2    . DG  C 1 2 ? 6.191   2.832   -2.763  1.00 25.91 ? 14  DG  C C2    1 
ATOM   281 N N2    . DG  C 1 2 ? 5.212   3.283   -1.973  1.00 23.21 ? 14  DG  C N2    1 
ATOM   282 N N3    . DG  C 1 2 ? 5.897   2.101   -3.826  1.00 25.11 ? 14  DG  C N3    1 
ATOM   283 C C4    . DG  C 1 2 ? 7.003   1.724   -4.500  1.00 25.99 ? 14  DG  C C4    1 
ATOM   284 P P     . DC  C 1 3 ? 5.412   2.651   -10.616 1.00 34.80 ? 15  DC  C P     1 
ATOM   285 O OP1   . DC  C 1 3 ? 4.460   2.630   -11.756 1.00 41.13 ? 15  DC  C OP1   1 
ATOM   286 O OP2   . DC  C 1 3 ? 6.869   2.784   -10.879 1.00 35.19 ? 15  DC  C OP2   1 
ATOM   287 O "O5'" . DC  C 1 3 ? 4.973   3.792   -9.596  1.00 29.38 ? 15  DC  C "O5'" 1 
ATOM   288 C "C5'" . DC  C 1 3 ? 3.598   3.990   -9.278  1.00 28.04 ? 15  DC  C "C5'" 1 
ATOM   289 C "C4'" . DC  C 1 3 ? 3.459   4.936   -8.109  1.00 25.94 ? 15  DC  C "C4'" 1 
ATOM   290 O "O4'" . DC  C 1 3 ? 4.092   4.387   -6.932  1.00 25.38 ? 15  DC  C "O4'" 1 
ATOM   291 C "C3'" . DC  C 1 3 ? 4.138   6.287   -8.280  1.00 26.14 ? 15  DC  C "C3'" 1 
ATOM   292 O "O3'" . DC  C 1 3 ? 3.325   7.165   -9.058  1.00 27.43 ? 15  DC  C "O3'" 1 
ATOM   293 C "C2'" . DC  C 1 3 ? 4.224   6.751   -6.839  1.00 25.64 ? 15  DC  C "C2'" 1 
ATOM   294 C "C1'" . DC  C 1 3 ? 4.582   5.451   -6.120  1.00 23.08 ? 15  DC  C "C1'" 1 
ATOM   295 N N1    . DC  C 1 3 ? 6.038   5.274   -5.956  1.00 23.97 ? 15  DC  C N1    1 
ATOM   296 C C2    . DC  C 1 3 ? 6.632   5.750   -4.790  1.00 22.74 ? 15  DC  C C2    1 
ATOM   297 O O2    . DC  C 1 3 ? 5.908   6.254   -3.916  1.00 22.59 ? 15  DC  C O2    1 
ATOM   298 N N3    . DC  C 1 3 ? 7.974   5.644   -4.636  1.00 21.04 ? 15  DC  C N3    1 
ATOM   299 C C4    . DC  C 1 3 ? 8.712   5.075   -5.589  1.00 22.21 ? 15  DC  C C4    1 
ATOM   300 N N4    . DC  C 1 3 ? 10.038  5.001   -5.391  1.00 20.75 ? 15  DC  C N4    1 
ATOM   301 C C5    . DC  C 1 3 ? 8.131   4.558   -6.784  1.00 22.60 ? 15  DC  C C5    1 
ATOM   302 C C6    . DC  C 1 3 ? 6.799   4.678   -6.925  1.00 23.35 ? 15  DC  C C6    1 
ATOM   303 P P     . DG  C 1 4 ? 4.000   8.417   -9.805  1.00 29.39 ? 16  DG  C P     1 
ATOM   304 O OP1   . DG  C 1 4 ? 2.919   9.098   -10.558 1.00 31.21 ? 16  DG  C OP1   1 
ATOM   305 O OP2   . DG  C 1 4 ? 5.215   7.960   -10.515 1.00 27.69 ? 16  DG  C OP2   1 
ATOM   306 O "O5'" . DG  C 1 4 ? 4.470   9.358   -8.610  1.00 26.10 ? 16  DG  C "O5'" 1 
ATOM   307 C "C5'" . DG  C 1 4 ? 3.517   9.996   -7.773  1.00 27.47 ? 16  DG  C "C5'" 1 
ATOM   308 C "C4'" . DG  C 1 4 ? 4.217   10.814  -6.715  1.00 27.86 ? 16  DG  C "C4'" 1 
ATOM   309 O "O4'" . DG  C 1 4 ? 4.911   9.949   -5.787  1.00 23.41 ? 16  DG  C "O4'" 1 
ATOM   310 C "C3'" . DG  C 1 4 ? 5.311   11.740  -7.230  1.00 25.89 ? 16  DG  C "C3'" 1 
ATOM   311 O "O3'" . DG  C 1 4 ? 4.761   12.947  -7.763  1.00 25.80 ? 16  DG  C "O3'" 1 
ATOM   312 C "C2'" . DG  C 1 4 ? 6.078   12.019  -5.954  1.00 21.98 ? 16  DG  C "C2'" 1 
ATOM   313 C "C1'" . DG  C 1 4 ? 6.039   10.655  -5.269  1.00 24.99 ? 16  DG  C "C1'" 1 
ATOM   314 N N9    . DG  C 1 4 ? 7.239   9.870   -5.537  1.00 22.00 ? 16  DG  C N9    1 
ATOM   315 C C8    . DG  C 1 4 ? 7.417   8.858   -6.451  1.00 23.96 ? 16  DG  C C8    1 
ATOM   316 N N7    . DG  C 1 4 ? 8.629   8.363   -6.436  1.00 22.90 ? 16  DG  C N7    1 
ATOM   317 C C5    . DG  C 1 4 ? 9.285   9.100   -5.454  1.00 22.38 ? 16  DG  C C5    1 
ATOM   318 C C6    . DG  C 1 4 ? 10.626  9.038   -4.990  1.00 21.37 ? 16  DG  C C6    1 
ATOM   319 O O6    . DG  C 1 4 ? 11.536  8.293   -5.365  1.00 22.15 ? 16  DG  C O6    1 
ATOM   320 N N1    . DG  C 1 4 ? 10.866  9.973   -3.985  1.00 19.74 ? 16  DG  C N1    1 
ATOM   321 C C2    . DG  C 1 4 ? 9.937   10.857  -3.492  1.00 23.25 ? 16  DG  C C2    1 
ATOM   322 N N2    . DG  C 1 4 ? 10.347  11.678  -2.510  1.00 21.57 ? 16  DG  C N2    1 
ATOM   323 N N3    . DG  C 1 4 ? 8.690   10.929  -3.924  1.00 19.75 ? 16  DG  C N3    1 
ATOM   324 C C4    . DG  C 1 4 ? 8.437   10.029  -4.893  1.00 19.71 ? 16  DG  C C4    1 
HETATM 325 N N1    . 5CM C 1 5 ? 10.148  13.923  -5.796  1.00 20.98 ? 17  5CM C N1    1 
HETATM 326 C C2    . 5CM C 1 5 ? 11.418  13.569  -5.330  1.00 20.50 ? 17  5CM C C2    1 
HETATM 327 N N3    . 5CM C 1 5 ? 12.050  12.506  -5.875  1.00 19.14 ? 17  5CM C N3    1 
HETATM 328 C C4    . 5CM C 1 5 ? 11.469  11.816  -6.857  1.00 19.91 ? 17  5CM C C4    1 
HETATM 329 C C5    . 5CM C 1 5 ? 10.178  12.154  -7.349  1.00 20.17 ? 17  5CM C C5    1 
HETATM 330 C C5A   . 5CM C 1 5 ? 9.593   11.347  -8.463  1.00 25.19 ? 17  5CM C C5A   1 
HETATM 331 C C6    . 5CM C 1 5 ? 9.549   13.197  -6.787  1.00 20.69 ? 17  5CM C C6    1 
HETATM 332 O O2    . 5CM C 1 5 ? 11.934  14.247  -4.434  1.00 21.12 ? 17  5CM C O2    1 
HETATM 333 N N4    . 5CM C 1 5 ? 12.138  10.781  -7.382  1.00 19.46 ? 17  5CM C N4    1 
HETATM 334 C "C1'" . 5CM C 1 5 ? 9.494   15.099  -5.214  1.00 22.51 ? 17  5CM C "C1'" 1 
HETATM 335 C "C2'" . 5CM C 1 5 ? 9.860   16.375  -5.972  1.00 22.96 ? 17  5CM C "C2'" 1 
HETATM 336 C "C3'" . 5CM C 1 5 ? 8.774   16.416  -7.029  1.00 24.99 ? 17  5CM C "C3'" 1 
HETATM 337 C "C4'" . 5CM C 1 5 ? 7.566   15.986  -6.205  1.00 24.84 ? 17  5CM C "C4'" 1 
HETATM 338 O "O4'" . 5CM C 1 5 ? 8.082   14.936  -5.354  1.00 25.52 ? 17  5CM C "O4'" 1 
HETATM 339 O "O3'" . 5CM C 1 5 ? 8.610   17.741  -7.543  1.00 25.33 ? 17  5CM C "O3'" 1 
HETATM 340 C "C5'" . 5CM C 1 5 ? 6.357   15.509  -6.979  1.00 29.18 ? 17  5CM C "C5'" 1 
HETATM 341 O "O5'" . 5CM C 1 5 ? 6.727   14.526  -7.945  1.00 24.77 ? 17  5CM C "O5'" 1 
HETATM 342 P P     . 5CM C 1 5 ? 5.611   13.803  -8.828  1.00 30.03 ? 17  5CM C P     1 
HETATM 343 O OP1   . 5CM C 1 5 ? 4.686   14.834  -9.363  1.00 34.37 ? 17  5CM C OP1   1 
HETATM 344 O OP2   . 5CM C 1 5 ? 6.306   12.886  -9.767  1.00 32.23 ? 17  5CM C OP2   1 
ATOM   345 P P     . DC  C 1 6 ? 9.334   18.156  -8.920  1.00 28.59 ? 18  DC  C P     1 
ATOM   346 O OP1   . DC  C 1 6 ? 8.858   19.517  -9.255  1.00 27.54 ? 18  DC  C OP1   1 
ATOM   347 O OP2   . DC  C 1 6 ? 9.195   17.063  -9.919  1.00 24.22 ? 18  DC  C OP2   1 
ATOM   348 O "O5'" . DC  C 1 6 ? 10.885  18.234  -8.543  1.00 25.74 ? 18  DC  C "O5'" 1 
ATOM   349 C "C5'" . DC  C 1 6 ? 11.333  19.066  -7.475  1.00 23.26 ? 18  DC  C "C5'" 1 
ATOM   350 C "C4'" . DC  C 1 6 ? 12.780  18.779  -7.148  1.00 23.68 ? 18  DC  C "C4'" 1 
ATOM   351 O "O4'" . DC  C 1 6 ? 12.923  17.443  -6.614  1.00 21.72 ? 18  DC  C "O4'" 1 
ATOM   352 C "C3'" . DC  C 1 6 ? 13.756  18.803  -8.318  1.00 21.12 ? 18  DC  C "C3'" 1 
ATOM   353 O "O3'" . DC  C 1 6 ? 14.102  20.127  -8.733  1.00 25.60 ? 18  DC  C "O3'" 1 
ATOM   354 C "C2'" . DC  C 1 6 ? 14.939  18.065  -7.721  1.00 20.36 ? 18  DC  C "C2'" 1 
ATOM   355 C "C1'" . DC  C 1 6 ? 14.253  16.988  -6.877  1.00 24.20 ? 18  DC  C "C1'" 1 
ATOM   356 N N1    . DC  C 1 6 ? 14.164  15.703  -7.583  1.00 22.19 ? 18  DC  C N1    1 
ATOM   357 C C2    . DC  C 1 6 ? 15.261  14.840  -7.524  1.00 24.72 ? 18  DC  C C2    1 
ATOM   358 O O2    . DC  C 1 6 ? 16.239  15.174  -6.841  1.00 20.32 ? 18  DC  C O2    1 
ATOM   359 N N3    . DC  C 1 6 ? 15.224  13.671  -8.206  1.00 23.47 ? 18  DC  C N3    1 
ATOM   360 C C4    . DC  C 1 6 ? 14.137  13.347  -8.914  1.00 24.18 ? 18  DC  C C4    1 
ATOM   361 N N4    . DC  C 1 6 ? 14.145  12.190  -9.583  1.00 19.90 ? 18  DC  C N4    1 
ATOM   362 C C5    . DC  C 1 6 ? 12.993  14.200  -8.971  1.00 24.99 ? 18  DC  C C5    1 
ATOM   363 C C6    . DC  C 1 6 ? 13.051  15.359  -8.295  1.00 22.37 ? 18  DC  C C6    1 
ATOM   364 O "O5'" . DG  D 1 1 ? 21.941  6.054   -7.378  1.00 38.98 ? 19  DG  D "O5'" 1 
ATOM   365 C "C5'" . DG  D 1 1 ? 23.234  6.583   -7.659  1.00 28.23 ? 19  DG  D "C5'" 1 
ATOM   366 C "C4'" . DG  D 1 1 ? 23.359  8.004   -7.161  1.00 26.74 ? 19  DG  D "C4'" 1 
ATOM   367 O "O4'" . DG  D 1 1 ? 22.990  8.914   -8.220  1.00 25.16 ? 19  DG  D "O4'" 1 
ATOM   368 C "C3'" . DG  D 1 1 ? 22.442  8.371   -5.999  1.00 25.65 ? 19  DG  D "C3'" 1 
ATOM   369 O "O3'" . DG  D 1 1 ? 23.076  8.082   -4.754  1.00 31.59 ? 19  DG  D "O3'" 1 
ATOM   370 C "C2'" . DG  D 1 1 ? 22.300  9.870   -6.178  1.00 24.58 ? 19  DG  D "C2'" 1 
ATOM   371 C "C1'" . DG  D 1 1 ? 22.216  9.986   -7.693  1.00 24.45 ? 19  DG  D "C1'" 1 
ATOM   372 N N9    . DG  D 1 1 ? 20.860  9.847   -8.215  1.00 20.93 ? 19  DG  D N9    1 
ATOM   373 C C8    . DG  D 1 1 ? 20.374  8.813   -8.977  1.00 20.74 ? 19  DG  D C8    1 
ATOM   374 N N7    . DG  D 1 1 ? 19.118  8.963   -9.300  1.00 24.75 ? 19  DG  D N7    1 
ATOM   375 C C5    . DG  D 1 1 ? 18.753  10.170  -8.717  1.00 21.64 ? 19  DG  D C5    1 
ATOM   376 C C6    . DG  D 1 1 ? 17.518  10.866  -8.738  1.00 23.16 ? 19  DG  D C6    1 
ATOM   377 O O6    . DG  D 1 1 ? 16.458  10.548  -9.298  1.00 21.91 ? 19  DG  D O6    1 
ATOM   378 N N1    . DG  D 1 1 ? 17.590  12.054  -8.021  1.00 21.21 ? 19  DG  D N1    1 
ATOM   379 C C2    . DG  D 1 1 ? 18.707  12.525  -7.379  1.00 22.27 ? 19  DG  D C2    1 
ATOM   380 N N2    . DG  D 1 1 ? 18.574  13.707  -6.749  1.00 19.36 ? 19  DG  D N2    1 
ATOM   381 N N3    . DG  D 1 1 ? 19.867  11.888  -7.356  1.00 17.85 ? 19  DG  D N3    1 
ATOM   382 C C4    . DG  D 1 1 ? 19.818  10.727  -8.041  1.00 22.65 ? 19  DG  D C4    1 
ATOM   383 P P     . DG  D 1 2 ? 22.189  7.636   -3.493  1.00 33.82 ? 20  DG  D P     1 
ATOM   384 O OP1   . DG  D 1 2 ? 23.147  7.218   -2.437  1.00 34.37 ? 20  DG  D OP1   1 
ATOM   385 O OP2   . DG  D 1 2 ? 21.143  6.693   -3.962  1.00 30.20 ? 20  DG  D OP2   1 
ATOM   386 O "O5'" . DG  D 1 2 ? 21.479  8.981   -3.023  1.00 30.90 ? 20  DG  D "O5'" 1 
ATOM   387 C "C5'" . DG  D 1 2 ? 22.236  10.031  -2.439  1.00 28.42 ? 20  DG  D "C5'" 1 
ATOM   388 C "C4'" . DG  D 1 2 ? 21.344  11.214  -2.155  1.00 30.63 ? 20  DG  D "C4'" 1 
ATOM   389 O "O4'" . DG  D 1 2 ? 20.777  11.705  -3.387  1.00 29.20 ? 20  DG  D "O4'" 1 
ATOM   390 C "C3'" . DG  D 1 2 ? 20.126  10.895  -1.296  1.00 32.93 ? 20  DG  D "C3'" 1 
ATOM   391 O "O3'" . DG  D 1 2 ? 20.481  10.867  0.090   1.00 30.19 ? 20  DG  D "O3'" 1 
ATOM   392 C "C2'" . DG  D 1 2 ? 19.215  12.061  -1.630  1.00 28.89 ? 20  DG  D "C2'" 1 
ATOM   393 C "C1'" . DG  D 1 2 ? 19.483  12.252  -3.123  1.00 29.11 ? 20  DG  D "C1'" 1 
ATOM   394 N N9    . DG  D 1 2 ? 18.529  11.544  -3.969  1.00 26.66 ? 20  DG  D N9    1 
ATOM   395 C C8    . DG  D 1 2 ? 18.751  10.389  -4.677  1.00 25.25 ? 20  DG  D C8    1 
ATOM   396 N N7    . DG  D 1 2 ? 17.699  9.979   -5.330  1.00 26.75 ? 20  DG  D N7    1 
ATOM   397 C C5    . DG  D 1 2 ? 16.725  10.924  -5.038  1.00 27.61 ? 20  DG  D C5    1 
ATOM   398 C C6    . DG  D 1 2 ? 15.407  11.061  -5.541  1.00 24.46 ? 20  DG  D C6    1 
ATOM   399 O O6    . DG  D 1 2 ? 14.783  10.289  -6.286  1.00 25.36 ? 20  DG  D O6    1 
ATOM   400 N N1    . DG  D 1 2 ? 14.809  12.236  -5.092  1.00 23.37 ? 20  DG  D N1    1 
ATOM   401 C C2    . DG  D 1 2 ? 15.406  13.158  -4.265  1.00 24.55 ? 20  DG  D C2    1 
ATOM   402 N N2    . DG  D 1 2 ? 14.687  14.237  -3.954  1.00 21.69 ? 20  DG  D N2    1 
ATOM   403 N N3    . DG  D 1 2 ? 16.630  13.033  -3.781  1.00 25.16 ? 20  DG  D N3    1 
ATOM   404 C C4    . DG  D 1 2 ? 17.226  11.900  -4.206  1.00 25.57 ? 20  DG  D C4    1 
ATOM   405 P P     . DC  D 1 3 ? 19.713  9.864   1.083   1.00 32.30 ? 21  DC  D P     1 
ATOM   406 O OP1   . DC  D 1 3 ? 20.342  10.031  2.419   1.00 32.54 ? 21  DC  D OP1   1 
ATOM   407 O OP2   . DC  D 1 3 ? 19.649  8.524   0.459   1.00 32.39 ? 21  DC  D OP2   1 
ATOM   408 O "O5'" . DC  D 1 3 ? 18.246  10.479  1.172   1.00 29.90 ? 21  DC  D "O5'" 1 
ATOM   409 C "C5'" . DC  D 1 3 ? 18.056  11.773  1.742   1.00 26.46 ? 21  DC  D "C5'" 1 
ATOM   410 C "C4'" . DC  D 1 3 ? 16.656  12.275  1.477   1.00 25.41 ? 21  DC  D "C4'" 1 
ATOM   411 O "O4'" . DC  D 1 3 ? 16.417  12.410  0.059   1.00 24.20 ? 21  DC  D "O4'" 1 
ATOM   412 C "C3'" . DC  D 1 3 ? 15.538  11.353  1.940   1.00 23.47 ? 21  DC  D "C3'" 1 
ATOM   413 O "O3'" . DC  D 1 3 ? 15.335  11.472  3.351   1.00 26.69 ? 21  DC  D "O3'" 1 
ATOM   414 C "C2'" . DC  D 1 3 ? 14.369  11.926  1.163   1.00 24.64 ? 21  DC  D "C2'" 1 
ATOM   415 C "C1'" . DC  D 1 3 ? 15.019  12.248  -0.183  1.00 24.96 ? 21  DC  D "C1'" 1 
ATOM   416 N N1    . DC  D 1 3 ? 14.850  11.162  -1.156  1.00 22.72 ? 21  DC  D N1    1 
ATOM   417 C C2    . DC  D 1 3 ? 13.648  11.076  -1.849  1.00 23.49 ? 21  DC  D C2    1 
ATOM   418 O O2    . DC  D 1 3 ? 12.773  11.934  -1.637  1.00 20.81 ? 21  DC  D O2    1 
ATOM   419 N N3    . DC  D 1 3 ? 13.465  10.069  -2.732  1.00 19.00 ? 21  DC  D N3    1 
ATOM   420 C C4    . DC  D 1 3 ? 14.435  9.175   -2.935  1.00 23.98 ? 21  DC  D C4    1 
ATOM   421 N N4    . DC  D 1 3 ? 14.209  8.194   -3.810  1.00 21.88 ? 21  DC  D N4    1 
ATOM   422 C C5    . DC  D 1 3 ? 15.681  9.247   -2.246  1.00 23.66 ? 21  DC  D C5    1 
ATOM   423 C C6    . DC  D 1 3 ? 15.843  10.249  -1.373  1.00 22.52 ? 21  DC  D C6    1 
ATOM   424 P P     . DG  D 1 4 ? 14.716  10.236  4.170   1.00 27.73 ? 22  DG  D P     1 
ATOM   425 O OP1   . DG  D 1 4 ? 14.738  10.609  5.601   1.00 30.45 ? 22  DG  D OP1   1 
ATOM   426 O OP2   . DG  D 1 4 ? 15.380  8.988   3.720   1.00 27.79 ? 22  DG  D OP2   1 
ATOM   427 O "O5'" . DG  D 1 4 ? 13.199  10.201  3.689   1.00 24.17 ? 22  DG  D "O5'" 1 
ATOM   428 C "C5'" . DG  D 1 4 ? 12.316  11.273  4.018   1.00 24.37 ? 22  DG  D "C5'" 1 
ATOM   429 C "C4'" . DG  D 1 4 ? 10.958  11.043  3.401   1.00 22.29 ? 22  DG  D "C4'" 1 
ATOM   430 O "O4'" . DG  D 1 4 ? 11.035  11.057  1.959   1.00 24.71 ? 22  DG  D "O4'" 1 
ATOM   431 C "C3'" . DG  D 1 4 ? 10.340  9.688   3.717   1.00 23.00 ? 22  DG  D "C3'" 1 
ATOM   432 O "O3'" . DG  D 1 4 ? 9.727   9.722   5.007   1.00 21.19 ? 22  DG  D "O3'" 1 
ATOM   433 C "C2'" . DG  D 1 4 ? 9.296   9.573   2.622   1.00 25.86 ? 22  DG  D "C2'" 1 
ATOM   434 C "C1'" . DG  D 1 4 ? 9.989   10.240  1.434   1.00 22.91 ? 22  DG  D "C1'" 1 
ATOM   435 N N9    . DG  D 1 4 ? 10.582  9.275   0.515   1.00 20.33 ? 22  DG  D N9    1 
ATOM   436 C C8    . DG  D 1 4 ? 11.892  8.856   0.449   1.00 21.78 ? 22  DG  D C8    1 
ATOM   437 N N7    . DG  D 1 4 ? 12.099  7.975   -0.494  1.00 18.67 ? 22  DG  D N7    1 
ATOM   438 C C5    . DG  D 1 4 ? 10.852  7.807   -1.085  1.00 20.05 ? 22  DG  D C5    1 
ATOM   439 C C6    . DG  D 1 4 ? 10.456  7.010   -2.185  1.00 20.15 ? 22  DG  D C6    1 
ATOM   440 O O6    . DG  D 1 4 ? 11.149  6.242   -2.873  1.00 18.77 ? 22  DG  D O6    1 
ATOM   441 N N1    . DG  D 1 4 ? 9.101   7.168   -2.468  1.00 20.60 ? 22  DG  D N1    1 
ATOM   442 C C2    . DG  D 1 4 ? 8.237   7.986   -1.780  1.00 23.96 ? 22  DG  D C2    1 
ATOM   443 N N2    . DG  D 1 4 ? 6.953   7.998   -2.193  1.00 19.66 ? 22  DG  D N2    1 
ATOM   444 N N3    . DG  D 1 4 ? 8.599   8.736   -0.757  1.00 22.06 ? 22  DG  D N3    1 
ATOM   445 C C4    . DG  D 1 4 ? 9.908   8.597   -0.467  1.00 19.79 ? 22  DG  D C4    1 
HETATM 446 N N1    . 5CM D 1 5 ? 7.122   5.999   1.712   1.00 16.83 ? 23  5CM D N1    1 
HETATM 447 C C2    . 5CM D 1 5 ? 6.956   5.275   0.532   1.00 21.76 ? 23  5CM D C2    1 
HETATM 448 N N3    . 5CM D 1 5 ? 8.038   4.734   -0.073  1.00 19.81 ? 23  5CM D N3    1 
HETATM 449 C C4    . 5CM D 1 5 ? 9.250   4.884   0.468   1.00 19.32 ? 23  5CM D C4    1 
HETATM 450 C C5    . 5CM D 1 5 ? 9.449   5.601   1.683   1.00 18.60 ? 23  5CM D C5    1 
HETATM 451 C C5A   . 5CM D 1 5 ? 10.829  5.710   2.257   1.00 17.28 ? 23  5CM D C5A   1 
HETATM 452 C C6    . 5CM D 1 5 ? 8.365   6.145   2.265   1.00 16.70 ? 23  5CM D C6    1 
HETATM 453 O O2    . 5CM D 1 5 ? 5.806   5.139   0.071   1.00 25.55 ? 23  5CM D O2    1 
HETATM 454 N N4    . 5CM D 1 5 ? 10.286  4.339   -0.174  1.00 20.41 ? 23  5CM D N4    1 
HETATM 455 C "C1'" . 5CM D 1 5 ? 5.933   6.582   2.343   1.00 20.27 ? 23  5CM D "C1'" 1 
HETATM 456 C "C2'" . 5CM D 1 5 ? 5.315   5.641   3.371   1.00 17.58 ? 23  5CM D "C2'" 1 
HETATM 457 C "C3'" . 5CM D 1 5 ? 5.940   6.131   4.659   1.00 21.33 ? 23  5CM D "C3'" 1 
HETATM 458 C "C4'" . 5CM D 1 5 ? 5.967   7.636   4.434   1.00 19.89 ? 23  5CM D "C4'" 1 
HETATM 459 O "O4'" . 5CM D 1 5 ? 6.329   7.765   3.041   1.00 18.69 ? 23  5CM D "O4'" 1 
HETATM 460 O "O3'" . 5CM D 1 5 ? 5.138   5.786   5.790   1.00 19.62 ? 23  5CM D "O3'" 1 
HETATM 461 C "C5'" . 5CM D 1 5 ? 6.986   8.360   5.280   1.00 23.67 ? 23  5CM D "C5'" 1 
HETATM 462 O "O5'" . 5CM D 1 5 ? 8.250   7.708   5.176   1.00 26.93 ? 23  5CM D "O5'" 1 
HETATM 463 P P     . 5CM D 1 5 ? 9.546   8.360   5.830   1.00 25.96 ? 23  5CM D P     1 
HETATM 464 O OP1   . 5CM D 1 5 ? 9.209   8.734   7.226   1.00 26.50 ? 23  5CM D OP1   1 
HETATM 465 O OP2   . 5CM D 1 5 ? 10.701  7.468   5.565   1.00 24.29 ? 23  5CM D OP2   1 
ATOM   466 P P     . DC  D 1 6 ? 5.456   4.430   6.589   1.00 24.80 ? 24  DC  D P     1 
ATOM   467 O OP1   . DC  D 1 6 ? 4.563   4.370   7.769   1.00 22.83 ? 24  DC  D OP1   1 
ATOM   468 O OP2   . DC  D 1 6 ? 6.924   4.375   6.784   1.00 21.39 ? 24  DC  D OP2   1 
ATOM   469 O "O5'" . DC  D 1 6 ? 5.032   3.281   5.566   1.00 20.47 ? 24  DC  D "O5'" 1 
ATOM   470 C "C5'" . DC  D 1 6 ? 3.656   3.008   5.309   1.00 18.43 ? 24  DC  D "C5'" 1 
ATOM   471 C "C4'" . DC  D 1 6 ? 3.503   2.081   4.125   1.00 18.57 ? 24  DC  D "C4'" 1 
ATOM   472 O "O4'" . DC  D 1 6 ? 4.172   2.597   2.950   1.00 19.34 ? 24  DC  D "O4'" 1 
ATOM   473 C "C3'" . DC  D 1 6 ? 4.073   0.678   4.298   1.00 17.87 ? 24  DC  D "C3'" 1 
ATOM   474 O "O3'" . DC  D 1 6 ? 3.179   -0.131  5.077   1.00 22.04 ? 24  DC  D "O3'" 1 
ATOM   475 C "C2'" . DC  D 1 6 ? 4.189   0.224   2.855   1.00 12.67 ? 24  DC  D "C2'" 1 
ATOM   476 C "C1'" . DC  D 1 6 ? 4.625   1.511   2.147   1.00 17.35 ? 24  DC  D "C1'" 1 
ATOM   477 N N1    . DC  D 1 6 ? 6.088   1.627   2.022   1.00 19.72 ? 24  DC  D N1    1 
ATOM   478 C C2    . DC  D 1 6 ? 6.710   1.105   0.886   1.00 20.44 ? 24  DC  D C2    1 
ATOM   479 O O2    . DC  D 1 6 ? 6.010   0.582   0.004   1.00 20.48 ? 24  DC  D O2    1 
ATOM   480 N N3    . DC  D 1 6 ? 8.059   1.181   0.773   1.00 21.80 ? 24  DC  D N3    1 
ATOM   481 C C4    . DC  D 1 6 ? 8.780   1.746   1.745   1.00 20.08 ? 24  DC  D C4    1 
ATOM   482 N N4    . DC  D 1 6 ? 10.112  1.765   1.600   1.00 20.19 ? 24  DC  D N4    1 
ATOM   483 C C5    . DC  D 1 6 ? 8.173   2.306   2.906   1.00 18.57 ? 24  DC  D C5    1 
ATOM   484 C C6    . DC  D 1 6 ? 6.833   2.226   3.004   1.00 20.29 ? 24  DC  D C6    1 
ATOM   485 O "O3'" . DG  E 1 1 ? 1.308   12.295  -2.424  1.00 55.09 ? 25  DG  E "O3'" 1 
ATOM   486 P P     . DG  E 1 2 ? 1.755   11.511  -1.093  1.00 53.44 ? 26  DG  E P     1 
ATOM   487 O OP1   . DG  E 1 2 ? 0.560   11.304  -0.234  1.00 54.82 ? 26  DG  E OP1   1 
ATOM   488 O OP2   . DG  E 1 2 ? 2.940   12.214  -0.543  1.00 55.94 ? 26  DG  E OP2   1 
ATOM   489 O "O5'" . DG  E 1 2 ? 2.216   10.079  -1.618  1.00 47.26 ? 26  DG  E "O5'" 1 
ATOM   490 C "C5'" . DG  E 1 2 ? 3.158   9.949   -2.681  1.00 37.35 ? 26  DG  E "C5'" 1 
ATOM   491 C "C4'" . DG  E 1 2 ? 3.397   8.487   -2.977  1.00 32.01 ? 26  DG  E "C4'" 1 
ATOM   492 O "O4'" . DG  E 1 2 ? 4.055   7.889   -1.840  1.00 28.06 ? 26  DG  E "O4'" 1 
ATOM   493 C "C3'" . DG  E 1 2 ? 2.114   7.684   -3.168  1.00 29.33 ? 26  DG  E "C3'" 1 
ATOM   494 O "O3'" . DG  E 1 2 ? 1.790   7.599   -4.555  1.00 32.52 ? 26  DG  E "O3'" 1 
ATOM   495 C "C2'" . DG  E 1 2 ? 2.471   6.311   -2.634  1.00 26.37 ? 26  DG  E "C2'" 1 
ATOM   496 C "C1'" . DG  E 1 2 ? 3.482   6.620   -1.539  1.00 24.57 ? 26  DG  E "C1'" 1 
ATOM   497 N N9    . DG  E 1 2 ? 2.924   6.691   -0.193  1.00 21.18 ? 26  DG  E N9    1 
ATOM   498 C C8    . DG  E 1 2 ? 2.849   7.800   0.614   1.00 19.31 ? 26  DG  E C8    1 
ATOM   499 N N7    . DG  E 1 2 ? 2.342   7.543   1.788   1.00 21.10 ? 26  DG  E N7    1 
ATOM   500 C C5    . DG  E 1 2 ? 2.059   6.184   1.750   1.00 19.65 ? 26  DG  E C5    1 
ATOM   501 C C6    . DG  E 1 2 ? 1.474   5.343   2.728   1.00 19.07 ? 26  DG  E C6    1 
ATOM   502 O O6    . DG  E 1 2 ? 1.144   5.624   3.887   1.00 18.15 ? 26  DG  E O6    1 
ATOM   503 N N1    . DG  E 1 2 ? 1.293   4.049   2.248   1.00 19.07 ? 26  DG  E N1    1 
ATOM   504 C C2    . DG  E 1 2 ? 1.641   3.619   0.991   1.00 20.20 ? 26  DG  E C2    1 
ATOM   505 N N2    . DG  E 1 2 ? 1.371   2.338   0.709   1.00 19.98 ? 26  DG  E N2    1 
ATOM   506 N N3    . DG  E 1 2 ? 2.212   4.388   0.079   1.00 22.29 ? 26  DG  E N3    1 
ATOM   507 C C4    . DG  E 1 2 ? 2.392   5.650   0.525   1.00 20.83 ? 26  DG  E C4    1 
ATOM   508 P P     . DC  E 1 3 ? 0.264   7.768   -5.017  1.00 33.87 ? 27  DC  E P     1 
ATOM   509 O OP1   . DC  E 1 3 ? 0.261   7.897   -6.495  1.00 36.21 ? 27  DC  E OP1   1 
ATOM   510 O OP2   . DC  E 1 3 ? -0.321  8.845   -4.177  1.00 29.48 ? 27  DC  E OP2   1 
ATOM   511 O "O5'" . DC  E 1 3 ? -0.398  6.371   -4.641  1.00 30.67 ? 27  DC  E "O5'" 1 
ATOM   512 C "C5'" . DC  E 1 3 ? 0.058   5.179   -5.273  1.00 30.31 ? 27  DC  E "C5'" 1 
ATOM   513 C "C4'" . DC  E 1 3 ? -0.646  3.969   -4.706  1.00 32.49 ? 27  DC  E "C4'" 1 
ATOM   514 O "O4'" . DC  E 1 3 ? -0.061  3.604   -3.438  1.00 30.05 ? 27  DC  E "O4'" 1 
ATOM   515 C "C3'" . DC  E 1 3 ? -2.132  4.135   -4.407  1.00 33.89 ? 27  DC  E "C3'" 1 
ATOM   516 O "O3'" . DC  E 1 3 ? -2.905  3.914   -5.595  1.00 39.38 ? 27  DC  E "O3'" 1 
ATOM   517 C "C2'" . DC  E 1 3 ? -2.357  3.006   -3.418  1.00 32.56 ? 27  DC  E "C2'" 1 
ATOM   518 C "C1'" . DC  E 1 3 ? -1.071  3.047   -2.597  1.00 28.38 ? 27  DC  E "C1'" 1 
ATOM   519 N N1    . DC  E 1 3 ? -1.199  3.914   -1.420  1.00 26.07 ? 27  DC  E N1    1 
ATOM   520 C C2    . DC  E 1 3 ? -1.643  3.347   -0.228  1.00 26.50 ? 27  DC  E C2    1 
ATOM   521 O O2    . DC  E 1 3 ? -1.896  2.136   -0.200  1.00 26.93 ? 27  DC  E O2    1 
ATOM   522 N N3    . DC  E 1 3 ? -1.790  4.125   0.863   1.00 29.91 ? 27  DC  E N3    1 
ATOM   523 C C4    . DC  E 1 3 ? -1.517  5.427   0.791   1.00 25.75 ? 27  DC  E C4    1 
ATOM   524 N N4    . DC  E 1 3 ? -1.707  6.154   1.893   1.00 26.99 ? 27  DC  E N4    1 
ATOM   525 C C5    . DC  E 1 3 ? -1.046  6.036   -0.412  1.00 26.15 ? 27  DC  E C5    1 
ATOM   526 C C6    . DC  E 1 3 ? -0.902  5.246   -1.486  1.00 22.55 ? 27  DC  E C6    1 
ATOM   527 P P     . DG  E 1 4 ? -4.326  4.648   -5.778  1.00 37.51 ? 28  DG  E P     1 
ATOM   528 O OP1   . DG  E 1 4 ? -4.924  4.047   -6.998  1.00 46.47 ? 28  DG  E OP1   1 
ATOM   529 O OP2   . DG  E 1 4 ? -4.175  6.119   -5.682  1.00 43.40 ? 28  DG  E OP2   1 
ATOM   530 O "O5'" . DG  E 1 4 ? -5.192  4.170   -4.528  1.00 35.58 ? 28  DG  E "O5'" 1 
ATOM   531 C "C5'" . DG  E 1 4 ? -5.791  2.884   -4.535  1.00 26.92 ? 28  DG  E "C5'" 1 
ATOM   532 C "C4'" . DG  E 1 4 ? -6.361  2.550   -3.178  1.00 24.43 ? 28  DG  E "C4'" 1 
ATOM   533 O "O4'" . DG  E 1 4 ? -5.394  2.717   -2.123  1.00 24.07 ? 28  DG  E "O4'" 1 
ATOM   534 C "C3'" . DG  E 1 4 ? -7.536  3.397   -2.713  1.00 23.97 ? 28  DG  E "C3'" 1 
ATOM   535 O "O3'" . DG  E 1 4 ? -8.731  3.005   -3.391  1.00 25.02 ? 28  DG  E "O3'" 1 
ATOM   536 C "C2'" . DG  E 1 4 ? -7.592  3.003   -1.251  1.00 20.77 ? 28  DG  E "C2'" 1 
ATOM   537 C "C1'" . DG  E 1 4 ? -6.109  2.846   -0.896  1.00 21.24 ? 28  DG  E "C1'" 1 
ATOM   538 N N9    . DG  E 1 4 ? -5.582  3.999   -0.175  1.00 21.67 ? 28  DG  E N9    1 
ATOM   539 C C8    . DG  E 1 4 ? -4.885  5.070   -0.679  1.00 25.05 ? 28  DG  E C8    1 
ATOM   540 N N7    . DG  E 1 4 ? -4.581  5.957   0.233   1.00 26.33 ? 28  DG  E N7    1 
ATOM   541 C C5    . DG  E 1 4 ? -5.103  5.434   1.409   1.00 23.53 ? 28  DG  E C5    1 
ATOM   542 C C6    . DG  E 1 4 ? -5.199  6.004   2.708   1.00 26.66 ? 28  DG  E C6    1 
ATOM   543 O O6    . DG  E 1 4 ? -4.729  7.074   3.116   1.00 26.68 ? 28  DG  E O6    1 
ATOM   544 N N1    . DG  E 1 4 ? -5.933  5.193   3.573   1.00 25.27 ? 28  DG  E N1    1 
ATOM   545 C C2    . DG  E 1 4 ? -6.501  3.986   3.233   1.00 31.17 ? 28  DG  E C2    1 
ATOM   546 N N2    . DG  E 1 4 ? -7.172  3.338   4.204   1.00 28.20 ? 28  DG  E N2    1 
ATOM   547 N N3    . DG  E 1 4 ? -6.418  3.447   2.025   1.00 28.18 ? 28  DG  E N3    1 
ATOM   548 C C4    . DG  E 1 4 ? -5.714  4.220   1.171   1.00 23.52 ? 28  DG  E C4    1 
HETATM 549 N N1    . 5CM E 1 5 ? -10.101 5.127   1.915   1.00 22.54 ? 29  5CM E N1    1 
HETATM 550 C C2    . 5CM E 1 5 ? -9.870  5.850   3.094   1.00 24.06 ? 29  5CM E C2    1 
HETATM 551 N N3    . 5CM E 1 5 ? -8.980  6.867   3.086   1.00 26.33 ? 29  5CM E N3    1 
HETATM 552 C C4    . 5CM E 1 5 ? -8.336  7.174   1.960   1.00 25.11 ? 29  5CM E C4    1 
HETATM 553 C C5    . 5CM E 1 5 ? -8.567  6.468   0.740   1.00 24.30 ? 29  5CM E C5    1 
HETATM 554 C C5A   . 5CM E 1 5 ? -7.836  6.881   -0.499  1.00 25.95 ? 29  5CM E C5A   1 
HETATM 555 C C6    . 5CM E 1 5 ? -9.445  5.457   0.764   1.00 19.94 ? 29  5CM E C6    1 
HETATM 556 O O2    . 5CM E 1 5 ? -10.491 5.541   4.115   1.00 24.10 ? 29  5CM E O2    1 
HETATM 557 N N4    . 5CM E 1 5 ? -7.448  8.174   2.010   1.00 29.21 ? 29  5CM E N4    1 
HETATM 558 C "C1'" . 5CM E 1 5 ? -11.066 4.020   1.946   1.00 20.76 ? 29  5CM E "C1'" 1 
HETATM 559 C "C2'" . 5CM E 1 5 ? -12.493 4.492   1.690   1.00 20.42 ? 29  5CM E "C2'" 1 
HETATM 560 C "C3'" . 5CM E 1 5 ? -12.612 4.331   0.187   1.00 21.51 ? 29  5CM E "C3'" 1 
HETATM 561 C "C4'" . 5CM E 1 5 ? -11.847 3.034   -0.031  1.00 18.72 ? 29  5CM E "C4'" 1 
HETATM 562 O "O4'" . 5CM E 1 5 ? -10.737 3.120   0.892   1.00 24.50 ? 29  5CM E "O4'" 1 
HETATM 563 O "O3'" . 5CM E 1 5 ? -13.984 4.181   -0.193  1.00 21.64 ? 29  5CM E "O3'" 1 
HETATM 564 C "C5'" . 5CM E 1 5 ? -11.355 2.806   -1.441  1.00 20.02 ? 29  5CM E "C5'" 1 
HETATM 565 O "O5'" . 5CM E 1 5 ? -10.538 3.896   -1.866  1.00 22.98 ? 29  5CM E "O5'" 1 
HETATM 566 P P     . 5CM E 1 5 ? -10.012 3.969   -3.368  1.00 28.15 ? 29  5CM E P     1 
HETATM 567 O OP1   . 5CM E 1 5 ? -11.031 3.333   -4.240  1.00 31.35 ? 29  5CM E OP1   1 
HETATM 568 O OP2   . 5CM E 1 5 ? -9.578  5.368   -3.635  1.00 23.52 ? 29  5CM E OP2   1 
ATOM   569 P P     . DC  E 1 6 ? -14.783 5.443   -0.780  1.00 25.71 ? 30  DC  E P     1 
ATOM   570 O OP1   . DC  E 1 6 ? -16.102 4.932   -1.250  1.00 28.78 ? 30  DC  E OP1   1 
ATOM   571 O OP2   . DC  E 1 6 ? -13.910 6.186   -1.722  1.00 28.15 ? 30  DC  E OP2   1 
ATOM   572 O "O5'" . DC  E 1 6 ? -15.009 6.381   0.489   1.00 23.74 ? 30  DC  E "O5'" 1 
ATOM   573 C "C5'" . DC  E 1 6 ? -15.789 5.943   1.602   1.00 21.73 ? 30  DC  E "C5'" 1 
ATOM   574 C "C4'" . DC  E 1 6 ? -15.598 6.877   2.778   1.00 20.11 ? 30  DC  E "C4'" 1 
ATOM   575 O "O4'" . DC  E 1 6 ? -14.225 6.843   3.225   1.00 15.75 ? 30  DC  E "O4'" 1 
ATOM   576 C "C3'" . DC  E 1 6 ? -15.853 8.351   2.486   1.00 17.11 ? 30  DC  E "C3'" 1 
ATOM   577 O "O3'" . DC  E 1 6 ? -17.233 8.705   2.565   1.00 24.76 ? 30  DC  E "O3'" 1 
ATOM   578 C "C2'" . DC  E 1 6 ? -15.098 9.019   3.617   1.00 15.35 ? 30  DC  E "C2'" 1 
ATOM   579 C "C1'" . DC  E 1 6 ? -13.888 8.107   3.801   1.00 18.18 ? 30  DC  E "C1'" 1 
ATOM   580 N N1    . DC  E 1 6 ? -12.714 8.656   3.099   1.00 18.49 ? 30  DC  E N1    1 
ATOM   581 C C2    . DC  E 1 6 ? -11.869 9.519   3.803   1.00 18.37 ? 30  DC  E C2    1 
ATOM   582 O O2    . DC  E 1 6 ? -12.111 9.752   4.997   1.00 16.79 ? 30  DC  E O2    1 
ATOM   583 N N3    . DC  E 1 6 ? -10.814 10.076  3.171   1.00 19.03 ? 30  DC  E N3    1 
ATOM   584 C C4    . DC  E 1 6 ? -10.579 9.798   1.888   1.00 17.81 ? 30  DC  E C4    1 
ATOM   585 N N4    . DC  E 1 6 ? -9.526  10.386  1.313   1.00 17.69 ? 30  DC  E N4    1 
ATOM   586 C C5    . DC  E 1 6 ? -11.410 8.907   1.146   1.00 19.08 ? 30  DC  E C5    1 
ATOM   587 C C6    . DC  E 1 6 ? -12.460 8.360   1.787   1.00 17.51 ? 30  DC  E C6    1 
ATOM   588 O "O5'" . DG  F 1 1 ? -3.531  15.866  7.555   1.00 40.51 ? 31  DG  F "O5'" 1 
ATOM   589 C "C5'" . DG  F 1 1 ? -3.952  16.668  8.663   1.00 30.67 ? 31  DG  F "C5'" 1 
ATOM   590 C "C4'" . DG  F 1 1 ? -5.368  16.334  9.073   1.00 26.40 ? 31  DG  F "C4'" 1 
ATOM   591 O "O4'" . DG  F 1 1 ? -6.234  16.516  7.930   1.00 23.59 ? 31  DG  F "O4'" 1 
ATOM   592 C "C3'" . DG  F 1 1 ? -5.571  14.882  9.497   1.00 27.68 ? 31  DG  F "C3'" 1 
ATOM   593 O "O3'" . DG  F 1 1 ? -5.390  14.734  10.911  1.00 33.10 ? 31  DG  F "O3'" 1 
ATOM   594 C "C2'" . DG  F 1 1 ? -7.019  14.627  9.127   1.00 25.78 ? 31  DG  F "C2'" 1 
ATOM   595 C "C1'" . DG  F 1 1 ? -7.237  15.509  7.906   1.00 22.53 ? 31  DG  F "C1'" 1 
ATOM   596 N N9    . DG  F 1 1 ? -7.132  14.807  6.631   1.00 21.62 ? 31  DG  F N9    1 
ATOM   597 C C8    . DG  F 1 1 ? -6.186  15.010  5.654   1.00 21.33 ? 31  DG  F C8    1 
ATOM   598 N N7    . DG  F 1 1 ? -6.360  14.250  4.608   1.00 20.65 ? 31  DG  F N7    1 
ATOM   599 C C5    . DG  F 1 1 ? -7.485  13.496  4.913   1.00 21.14 ? 31  DG  F C5    1 
ATOM   600 C C6    . DG  F 1 1 ? -8.175  12.528  4.142   1.00 23.69 ? 31  DG  F C6    1 
ATOM   601 O O6    . DG  F 1 1 ? -7.915  12.123  3.008   1.00 20.93 ? 31  DG  F O6    1 
ATOM   602 N N1    . DG  F 1 1 ? -9.282  12.024  4.819   1.00 21.61 ? 31  DG  F N1    1 
ATOM   603 C C2    . DG  F 1 1 ? -9.686  12.413  6.070   1.00 23.02 ? 31  DG  F C2    1 
ATOM   604 N N2    . DG  F 1 1 ? -10.792 11.803  6.545   1.00 18.09 ? 31  DG  F N2    1 
ATOM   605 N N3    . DG  F 1 1 ? -9.057  13.328  6.797   1.00 20.63 ? 31  DG  F N3    1 
ATOM   606 C C4    . DG  F 1 1 ? -7.971  13.821  6.160   1.00 20.83 ? 31  DG  F C4    1 
ATOM   607 P P     . DG  F 1 2 ? -4.708  13.395  11.488  1.00 35.65 ? 32  DG  F P     1 
ATOM   608 O OP1   . DG  F 1 2 ? -4.406  13.590  12.928  1.00 34.48 ? 32  DG  F OP1   1 
ATOM   609 O OP2   . DG  F 1 2 ? -3.629  12.994  10.554  1.00 29.44 ? 32  DG  F OP2   1 
ATOM   610 O "O5'" . DG  F 1 2 ? -5.861  12.303  11.416  1.00 34.51 ? 32  DG  F "O5'" 1 
ATOM   611 C "C5'" . DG  F 1 2 ? -6.856  12.236  12.430  1.00 35.35 ? 32  DG  F "C5'" 1 
ATOM   612 C "C4'" . DG  F 1 2 ? -7.852  11.145  12.112  1.00 31.97 ? 32  DG  F "C4'" 1 
ATOM   613 O "O4'" . DG  F 1 2 ? -8.523  11.444  10.870  1.00 31.23 ? 32  DG  F "O4'" 1 
ATOM   614 C "C3'" . DG  F 1 2 ? -7.239  9.773   11.866  1.00 32.43 ? 32  DG  F "C3'" 1 
ATOM   615 O "O3'" . DG  F 1 2 ? -6.959  9.103   13.098  1.00 33.28 ? 32  DG  F "O3'" 1 
ATOM   616 C "C2'" . DG  F 1 2 ? -8.350  9.087   11.094  1.00 28.24 ? 32  DG  F "C2'" 1 
ATOM   617 C "C1'" . DG  F 1 2 ? -8.841  10.224  10.199  1.00 29.92 ? 32  DG  F "C1'" 1 
ATOM   618 N N9    . DG  F 1 2 ? -8.170  10.241  8.905   1.00 26.62 ? 32  DG  F N9    1 
ATOM   619 C C8    . DG  F 1 2 ? -7.076  10.991  8.546   1.00 28.55 ? 32  DG  F C8    1 
ATOM   620 N N7    . DG  F 1 2 ? -6.681  10.766  7.321   1.00 27.36 ? 32  DG  F N7    1 
ATOM   621 C C5    . DG  F 1 2 ? -7.574  9.817   6.842   1.00 27.74 ? 32  DG  F C5    1 
ATOM   622 C C6    . DG  F 1 2 ? -7.625  9.155   5.589   1.00 31.31 ? 32  DG  F C6    1 
ATOM   623 O O6    . DG  F 1 2 ? -6.885  9.302   4.606   1.00 32.38 ? 32  DG  F O6    1 
ATOM   624 N N1    . DG  F 1 2 ? -8.669  8.237   5.539   1.00 29.44 ? 32  DG  F N1    1 
ATOM   625 C C2    . DG  F 1 2 ? -9.549  7.983   6.564   1.00 31.38 ? 32  DG  F C2    1 
ATOM   626 N N2    . DG  F 1 2 ? -10.488 7.051   6.321   1.00 24.22 ? 32  DG  F N2    1 
ATOM   627 N N3    . DG  F 1 2 ? -9.509  8.594   7.739   1.00 26.94 ? 32  DG  F N3    1 
ATOM   628 C C4    . DG  F 1 2 ? -8.504  9.490   7.808   1.00 26.57 ? 32  DG  F C4    1 
ATOM   629 P P     . DC  F 1 3 ? -5.743  8.056   13.166  1.00 36.61 ? 33  DC  F P     1 
ATOM   630 O OP1   . DC  F 1 3 ? -5.673  7.549   14.560  1.00 37.14 ? 33  DC  F OP1   1 
ATOM   631 O OP2   . DC  F 1 3 ? -4.545  8.670   12.547  1.00 39.69 ? 33  DC  F OP2   1 
ATOM   632 O "O5'" . DC  F 1 3 ? -6.200  6.867   12.203  1.00 31.84 ? 33  DC  F "O5'" 1 
ATOM   633 C "C5'" . DC  F 1 3 ? -7.266  6.000   12.573  1.00 28.42 ? 33  DC  F "C5'" 1 
ATOM   634 C "C4'" . DC  F 1 3 ? -7.576  5.026   11.459  1.00 25.99 ? 33  DC  F "C4'" 1 
ATOM   635 O "O4'" . DC  F 1 3 ? -8.009  5.722   10.269  1.00 25.71 ? 33  DC  F "O4'" 1 
ATOM   636 C "C3'" . DC  F 1 3 ? -6.416  4.168   10.972  1.00 27.86 ? 33  DC  F "C3'" 1 
ATOM   637 O "O3'" . DC  F 1 3 ? -6.187  3.059   11.846  1.00 28.03 ? 33  DC  F "O3'" 1 
ATOM   638 C "C2'" . DC  F 1 3 ? -6.947  3.694   9.634   1.00 28.05 ? 33  DC  F "C2'" 1 
ATOM   639 C "C1'" . DC  F 1 3 ? -7.685  4.930   9.123   1.00 26.01 ? 33  DC  F "C1'" 1 
ATOM   640 N N1    . DC  F 1 3 ? -6.847  5.740   8.229   1.00 28.71 ? 33  DC  F N1    1 
ATOM   641 C C2    . DC  F 1 3 ? -6.846  5.445   6.861   1.00 31.57 ? 33  DC  F C2    1 
ATOM   642 O O2    . DC  F 1 3 ? -7.575  4.533   6.442   1.00 29.52 ? 33  DC  F O2    1 
ATOM   643 N N3    . DC  F 1 3 ? -6.055  6.160   6.028   1.00 31.98 ? 33  DC  F N3    1 
ATOM   644 C C4    . DC  F 1 3 ? -5.287  7.136   6.515   1.00 30.91 ? 33  DC  F C4    1 
ATOM   645 N N4    . DC  F 1 3 ? -4.511  7.804   5.656   1.00 33.05 ? 33  DC  F N4    1 
ATOM   646 C C5    . DC  F 1 3 ? -5.278  7.468   7.903   1.00 30.37 ? 33  DC  F C5    1 
ATOM   647 C C6    . DC  F 1 3 ? -6.068  6.752   8.717   1.00 28.26 ? 33  DC  F C6    1 
ATOM   648 P P     . DG  F 1 4 ? -4.807  2.241   11.744  1.00 29.40 ? 34  DG  F P     1 
ATOM   649 O OP1   . DG  F 1 4 ? -4.813  1.222   12.820  1.00 30.68 ? 34  DG  F OP1   1 
ATOM   650 O OP2   . DG  F 1 4 ? -3.695  3.221   11.666  1.00 31.16 ? 34  DG  F OP2   1 
ATOM   651 O "O5'" . DG  F 1 4 ? -4.910  1.473   10.352  1.00 26.57 ? 34  DG  F "O5'" 1 
ATOM   652 C "C5'" . DG  F 1 4 ? -5.726  0.308   10.230  1.00 26.55 ? 34  DG  F "C5'" 1 
ATOM   653 C "C4'" . DG  F 1 4 ? -5.602  -0.288  8.847   1.00 23.10 ? 34  DG  F "C4'" 1 
ATOM   654 O "O4'" . DG  F 1 4 ? -5.988  0.686   7.857   1.00 21.47 ? 34  DG  F "O4'" 1 
ATOM   655 C "C3'" . DG  F 1 4 ? -4.198  -0.698  8.423   1.00 21.51 ? 34  DG  F "C3'" 1 
ATOM   656 O "O3'" . DG  F 1 4 ? -3.881  -2.001  8.902   1.00 25.69 ? 34  DG  F "O3'" 1 
ATOM   657 C "C2'" . DG  F 1 4 ? -4.337  -0.734  6.915   1.00 19.92 ? 34  DG  F "C2'" 1 
ATOM   658 C "C1'" . DG  F 1 4 ? -5.240  0.468   6.664   1.00 21.74 ? 34  DG  F "C1'" 1 
ATOM   659 N N9    . DG  F 1 4 ? -4.509  1.695   6.375   1.00 22.11 ? 34  DG  F N9    1 
ATOM   660 C C8    . DG  F 1 4 ? -4.225  2.723   7.243   1.00 20.05 ? 34  DG  F C8    1 
ATOM   661 N N7    . DG  F 1 4 ? -3.585  3.709   6.674   1.00 22.35 ? 34  DG  F N7    1 
ATOM   662 C C5    . DG  F 1 4 ? -3.430  3.303   5.353   1.00 24.46 ? 34  DG  F C5    1 
ATOM   663 C C6    . DG  F 1 4 ? -2.840  3.967   4.247   1.00 27.69 ? 34  DG  F C6    1 
ATOM   664 O O6    . DG  F 1 4 ? -2.321  5.092   4.208   1.00 29.52 ? 34  DG  F O6    1 
ATOM   665 N N1    . DG  F 1 4 ? -2.900  3.192   3.094   1.00 28.25 ? 34  DG  F N1    1 
ATOM   666 C C2    . DG  F 1 4 ? -3.460  1.940   3.010   1.00 31.36 ? 34  DG  F C2    1 
ATOM   667 N N2    . DG  F 1 4 ? -3.393  1.339   1.809   1.00 29.52 ? 34  DG  F N2    1 
ATOM   668 N N3    . DG  F 1 4 ? -4.034  1.320   4.027   1.00 24.82 ? 34  DG  F N3    1 
ATOM   669 C C4    . DG  F 1 4 ? -3.982  2.054   5.158   1.00 24.73 ? 34  DG  F C4    1 
HETATM 670 N N1    . 5CM F 1 5 ? -0.500  -0.034  4.759   1.00 17.74 ? 35  5CM F N1    1 
HETATM 671 C C2    . 5CM F 1 5 ? -0.086  0.958   3.880   1.00 16.82 ? 35  5CM F C2    1 
HETATM 672 N N3    . 5CM F 1 5 ? 0.163   2.201   4.350   1.00 19.24 ? 35  5CM F N3    1 
HETATM 673 C C4    . 5CM F 1 5 ? -0.011  2.466   5.644   1.00 19.21 ? 35  5CM F C4    1 
HETATM 674 C C5    . 5CM F 1 5 ? -0.460  1.473   6.561   1.00 20.27 ? 35  5CM F C5    1 
HETATM 675 C C5A   . 5CM F 1 5 ? -0.650  1.840   8.000   1.00 24.68 ? 35  5CM F C5A   1 
HETATM 676 C C6    . 5CM F 1 5 ? -0.691  0.247   6.080   1.00 20.07 ? 35  5CM F C6    1 
HETATM 677 O O2    . 5CM F 1 5 ? 0.032   0.678   2.683   1.00 17.54 ? 35  5CM F O2    1 
HETATM 678 N N4    . 5CM F 1 5 ? 0.251   3.703   6.066   1.00 16.71 ? 35  5CM F N4    1 
HETATM 679 C "C1'" . 5CM F 1 5 ? -0.708  -1.390  4.234   1.00 20.93 ? 35  5CM F "C1'" 1 
HETATM 680 C "C2'" . 5CM F 1 5 ? 0.556   -2.244  4.347   1.00 17.95 ? 35  5CM F "C2'" 1 
HETATM 681 C "C3'" . 5CM F 1 5 ? 0.347   -2.913  5.690   1.00 22.41 ? 35  5CM F "C3'" 1 
HETATM 682 C "C4'" . 5CM F 1 5 ? -1.145  -3.214  5.631   1.00 19.95 ? 35  5CM F "C4'" 1 
HETATM 683 O "O4'" . 5CM F 1 5 ? -1.707  -2.023  5.032   1.00 20.09 ? 35  5CM F "O4'" 1 
HETATM 684 O "O3'" . 5CM F 1 5 ? 1.123   -4.110  5.803   1.00 25.29 ? 35  5CM F "O3'" 1 
HETATM 685 C "C5'" . 5CM F 1 5 ? -1.800  -3.492  6.963   1.00 20.05 ? 35  5CM F "C5'" 1 
HETATM 686 O "O5'" . 5CM F 1 5 ? -1.633  -2.383  7.842   1.00 23.73 ? 35  5CM F "O5'" 1 
HETATM 687 P P     . 5CM F 1 5 ? -2.358  -2.351  9.261   1.00 27.81 ? 35  5CM F P     1 
HETATM 688 O OP1   . 5CM F 1 5 ? -2.359  -3.711  9.854   1.00 26.98 ? 35  5CM F OP1   1 
HETATM 689 O OP2   . 5CM F 1 5 ? -1.786  -1.214  10.021  1.00 25.59 ? 35  5CM F OP2   1 
ATOM   690 P P     . DC  F 1 6 ? 2.605   -4.042  6.439   1.00 38.84 ? 36  DC  F P     1 
ATOM   691 O OP1   . DC  F 1 6 ? 3.411   -3.022  5.723   1.00 36.33 ? 36  DC  F OP1   1 
ATOM   692 O OP2   . DC  F 1 6 ? 3.092   -5.444  6.505   1.00 40.02 ? 36  DC  F OP2   1 
ATOM   693 O "O5'" . DC  F 1 6 ? 2.367   -3.515  7.925   1.00 38.86 ? 36  DC  F "O5'" 1 
HETATM 694 O O     . HOH G 2 . ? -8.964  -10.609 -2.331  1.00 33.33 ? 38  HOH A O     1 
HETATM 695 O O     . HOH G 2 . ? -3.348  -17.391 -2.207  1.00 36.31 ? 40  HOH A O     1 
HETATM 696 O O     . HOH G 2 . ? -6.768  -6.903  5.110   1.00 47.76 ? 42  HOH A O     1 
HETATM 697 O O     . HOH G 2 . ? 0.149   -7.376  -2.289  1.00 29.66 ? 51  HOH A O     1 
HETATM 698 O O     . HOH G 2 . ? -12.421 -24.750 -7.722  1.00 38.01 ? 55  HOH A O     1 
HETATM 699 O O     . HOH G 2 . ? -13.005 -23.261 0.267   1.00 32.35 ? 57  HOH A O     1 
HETATM 700 O O     . HOH G 2 . ? -0.965  -5.404  -4.630  1.00 45.14 ? 68  HOH A O     1 
HETATM 701 O O     . HOH G 2 . ? -5.570  -5.967  8.536   1.00 65.10 ? 69  HOH A O     1 
HETATM 702 O O     . HOH G 2 . ? -12.426 -14.704 -4.605  1.00 61.92 ? 78  HOH A O     1 
HETATM 703 O O     . HOH G 2 . ? -1.609  -5.766  -7.953  1.00 41.54 ? 80  HOH A O     1 
HETATM 704 O O     . HOH G 2 . ? -12.804 -22.586 -9.385  1.00 68.64 ? 97  HOH A O     1 
HETATM 705 O O     . HOH G 2 . ? -3.117  -21.117 -7.378  1.00 50.72 ? 107 HOH A O     1 
HETATM 706 O O     . HOH G 2 . ? -11.634 -2.968  -3.542  1.00 61.27 ? 108 HOH A O     1 
HETATM 707 O O     . HOH G 2 . ? -12.487 -7.508  0.964   1.00 61.30 ? 109 HOH A O     1 
HETATM 708 O O     . HOH G 2 . ? -11.671 -12.514 -5.767  1.00 68.02 ? 110 HOH A O     1 
HETATM 709 O O     . HOH G 2 . ? -9.009  -12.618 -6.686  1.00 56.90 ? 111 HOH A O     1 
HETATM 710 O O     . HOH G 2 . ? -8.692  -4.954  5.736   1.00 68.66 ? 112 HOH A O     1 
HETATM 711 O O     . HOH G 2 . ? -6.578  -3.543  -11.229 1.00 74.85 ? 125 HOH A O     1 
HETATM 712 O O     . HOH G 2 . ? -12.290 -19.178 -7.764  1.00 49.84 ? 135 HOH A O     1 
HETATM 713 O O     . HOH G 2 . ? -4.325  -19.668 -12.965 1.00 52.71 ? 141 HOH A O     1 
HETATM 714 O O     . HOH G 2 . ? 1.079   -17.564 -9.958  1.00 64.18 ? 142 HOH A O     1 
HETATM 715 O O     . HOH G 2 . ? -10.244 -2.328  -6.302  1.00 57.68 ? 143 HOH A O     1 
HETATM 716 O O     . HOH G 2 . ? -13.817 -0.511  -0.419  1.00 81.55 ? 146 HOH A O     1 
HETATM 717 O O     . HOH G 2 . ? -3.643  -0.016  -1.138  1.00 57.50 ? 147 HOH A O     1 
HETATM 718 O O     . HOH G 2 . ? -0.418  -3.878  -9.914  1.00 56.88 ? 153 HOH A O     1 
HETATM 719 O O     . HOH G 2 . ? -8.652  -2.808  -9.430  1.00 59.73 ? 154 HOH A O     1 
HETATM 720 O O     . HOH G 2 . ? -2.265  -16.977 -11.728 1.00 61.62 ? 156 HOH A O     1 
HETATM 721 O O     . HOH G 2 . ? -2.345  -10.018 -10.173 1.00 52.82 ? 157 HOH A O     1 
HETATM 722 O O     . HOH G 2 . ? -9.309  -5.996  -2.031  1.00 46.71 ? 158 HOH A O     1 
HETATM 723 O O     . HOH G 2 . ? -8.852  -5.420  3.468   1.00 68.89 ? 159 HOH A O     1 
HETATM 724 O O     . HOH H 2 . ? -6.906  -13.184 6.074   1.00 33.89 ? 37  HOH B O     1 
HETATM 725 O O     . HOH H 2 . ? -12.626 -13.572 4.064   1.00 54.24 ? 39  HOH B O     1 
HETATM 726 O O     . HOH H 2 . ? -11.428 -13.409 1.580   1.00 36.59 ? 41  HOH B O     1 
HETATM 727 O O     . HOH H 2 . ? -1.729  -8.813  7.465   1.00 44.95 ? 58  HOH B O     1 
HETATM 728 O O     . HOH H 2 . ? 6.869   -11.708 3.077   1.00 50.43 ? 65  HOH B O     1 
HETATM 729 O O     . HOH H 2 . ? 1.041   -3.736  -0.064  1.00 35.95 ? 67  HOH B O     1 
HETATM 730 O O     . HOH H 2 . ? -0.727  -15.203 0.416   1.00 45.51 ? 77  HOH B O     1 
HETATM 731 O O     . HOH H 2 . ? -10.404 -12.312 5.481   1.00 58.24 ? 87  HOH B O     1 
HETATM 732 O O     . HOH H 2 . ? -3.380  -15.957 11.636  1.00 55.52 ? 100 HOH B O     1 
HETATM 733 O O     . HOH H 2 . ? -3.020  -22.477 8.210   1.00 58.45 ? 101 HOH B O     1 
HETATM 734 O O     . HOH H 2 . ? -15.694 -21.649 6.551   1.00 46.09 ? 102 HOH B O     1 
HETATM 735 O O     . HOH H 2 . ? -4.814  -12.812 8.291   1.00 85.19 ? 117 HOH B O     1 
HETATM 736 O O     . HOH H 2 . ? -5.670  -16.630 12.422  1.00 66.28 ? 121 HOH B O     1 
HETATM 737 O O     . HOH H 2 . ? 4.930   -16.703 2.631   1.00 55.45 ? 138 HOH B O     1 
HETATM 738 O O     . HOH H 2 . ? 6.755   -20.864 4.752   1.00 61.04 ? 139 HOH B O     1 
HETATM 739 O O     . HOH H 2 . ? 1.867   -19.764 5.652   1.00 53.25 ? 155 HOH B O     1 
HETATM 740 O O     . HOH H 2 . ? -11.567 -11.238 7.250   1.00 77.42 ? 161 HOH B O     1 
HETATM 741 O O     . HOH I 2 . ? 6.149   -2.735  -4.842  1.00 44.15 ? 43  HOH C O     1 
HETATM 742 O O     . HOH I 2 . ? 12.221  2.918   -3.576  1.00 35.84 ? 45  HOH C O     1 
HETATM 743 O O     . HOH I 2 . ? 7.158   12.529  -2.884  1.00 41.72 ? 47  HOH C O     1 
HETATM 744 O O     . HOH I 2 . ? 12.347  21.688  -10.241 1.00 42.46 ? 52  HOH C O     1 
HETATM 745 O O     . HOH I 2 . ? 11.632  4.498   -8.019  1.00 50.24 ? 62  HOH C O     1 
HETATM 746 O O     . HOH I 2 . ? 9.500   6.875   -8.749  1.00 38.74 ? 63  HOH C O     1 
HETATM 747 O O     . HOH I 2 . ? 11.862  8.988   -9.551  1.00 43.39 ? 64  HOH C O     1 
HETATM 748 O O     . HOH I 2 . ? 17.824  17.219  -5.699  1.00 37.49 ? 66  HOH C O     1 
HETATM 749 O O     . HOH I 2 . ? 13.721  1.206   -0.186  1.00 50.38 ? 75  HOH C O     1 
HETATM 750 O O     . HOH I 2 . ? 6.465   15.082  -2.431  1.00 63.70 ? 81  HOH C O     1 
HETATM 751 O O     . HOH I 2 . ? 2.012   8.895   -13.444 1.00 56.86 ? 84  HOH C O     1 
HETATM 752 O O     . HOH I 2 . ? 12.252  11.698  -11.705 1.00 43.44 ? 85  HOH C O     1 
HETATM 753 O O     . HOH I 2 . ? 9.927   21.886  -9.501  1.00 42.76 ? 86  HOH C O     1 
HETATM 754 O O     . HOH I 2 . ? 2.926   1.838   -5.052  1.00 55.90 ? 90  HOH C O     1 
HETATM 755 O O     . HOH I 2 . ? 2.007   -0.173  -6.282  1.00 52.83 ? 91  HOH C O     1 
HETATM 756 O O     . HOH I 2 . ? 2.422   -1.642  -11.995 1.00 59.89 ? 92  HOH C O     1 
HETATM 757 O O     . HOH I 2 . ? 12.603  7.015   -6.994  1.00 37.66 ? 93  HOH C O     1 
HETATM 758 O O     . HOH I 2 . ? 5.506   18.030  -11.584 1.00 66.92 ? 94  HOH C O     1 
HETATM 759 O O     . HOH I 2 . ? 14.629  2.234   -3.365  1.00 71.18 ? 105 HOH C O     1 
HETATM 760 O O     . HOH I 2 . ? 15.746  3.910   -5.788  1.00 61.72 ? 118 HOH C O     1 
HETATM 761 O O     . HOH I 2 . ? 11.851  1.558   -6.190  1.00 51.81 ? 126 HOH C O     1 
HETATM 762 O O     . HOH I 2 . ? 9.640   14.040  -10.983 1.00 44.96 ? 136 HOH C O     1 
HETATM 763 O O     . HOH I 2 . ? 14.284  1.093   -6.049  1.00 54.43 ? 144 HOH C O     1 
HETATM 764 O O     . HOH I 2 . ? 13.646  4.960   -5.448  1.00 52.23 ? 145 HOH C O     1 
HETATM 765 O O     . HOH I 2 . ? 15.518  -2.753  -10.207 1.00 75.25 ? 160 HOH C O     1 
HETATM 766 O O     . HOH J 2 . ? 3.741   -0.620  -0.771  1.00 30.20 ? 44  HOH D O     1 
HETATM 767 O O     . HOH J 2 . ? 15.071  8.306   -7.941  1.00 48.46 ? 46  HOH D O     1 
HETATM 768 O O     . HOH J 2 . ? 11.200  2.682   3.872   1.00 38.94 ? 53  HOH D O     1 
HETATM 769 O O     . HOH J 2 . ? 6.500   10.103  0.462   1.00 30.80 ? 59  HOH D O     1 
HETATM 770 O O     . HOH J 2 . ? 13.305  6.635   4.644   1.00 45.53 ? 60  HOH D O     1 
HETATM 771 O O     . HOH J 2 . ? 13.200  4.937   -2.309  1.00 47.08 ? 61  HOH D O     1 
HETATM 772 O O     . HOH J 2 . ? 2.560   0.699   7.642   1.00 47.32 ? 73  HOH D O     1 
HETATM 773 O O     . HOH J 2 . ? 13.520  3.711   0.177   1.00 60.94 ? 74  HOH D O     1 
HETATM 774 O O     . HOH J 2 . ? 24.094  3.236   -5.826  1.00 61.37 ? 76  HOH D O     1 
HETATM 775 O O     . HOH J 2 . ? 19.900  15.619  -4.850  1.00 42.25 ? 95  HOH D O     1 
HETATM 776 O O     . HOH J 2 . ? 8.004   1.433   7.045   1.00 55.77 ? 104 HOH D O     1 
HETATM 777 O O     . HOH J 2 . ? 17.663  7.046   -10.744 1.00 63.92 ? 119 HOH D O     1 
HETATM 778 O O     . HOH J 2 . ? 19.478  5.804   -6.643  1.00 46.59 ? 127 HOH D O     1 
HETATM 779 O O     . HOH J 2 . ? 18.962  7.151   -2.076  1.00 47.77 ? 133 HOH D O     1 
HETATM 780 O O     . HOH J 2 . ? 16.336  6.349   -3.565  1.00 52.78 ? 134 HOH D O     1 
HETATM 781 O O     . HOH J 2 . ? 15.014  6.999   2.364   1.00 61.47 ? 148 HOH D O     1 
HETATM 782 O O     . HOH J 2 . ? 9.482   -2.532  9.223   1.00 59.02 ? 151 HOH D O     1 
HETATM 783 O O     . HOH J 2 . ? 4.389   9.977   7.217   1.00 63.56 ? 152 HOH D O     1 
HETATM 784 O O     . HOH K 2 . ? 1.656   7.136   6.093   1.00 45.98 ? 48  HOH E O     1 
HETATM 785 O O     . HOH K 2 . ? -14.529 8.803   -2.498  1.00 55.59 ? 50  HOH E O     1 
HETATM 786 O O     . HOH K 2 . ? -17.168 11.097  1.809   1.00 35.80 ? 54  HOH E O     1 
HETATM 787 O O     . HOH K 2 . ? -11.479 7.280   -2.399  1.00 44.09 ? 71  HOH E O     1 
HETATM 788 O O     . HOH K 2 . ? -19.132 8.060   0.594   1.00 42.48 ? 79  HOH E O     1 
HETATM 789 O O     . HOH K 2 . ? 3.713   13.414  -2.875  1.00 64.19 ? 82  HOH E O     1 
HETATM 790 O O     . HOH K 2 . ? 1.178   13.839  -5.356  1.00 64.68 ? 83  HOH E O     1 
HETATM 791 O O     . HOH K 2 . ? -3.784  8.447   -0.511  1.00 50.45 ? 88  HOH E O     1 
HETATM 792 O O     . HOH K 2 . ? -16.712 2.317   0.533   1.00 71.35 ? 98  HOH E O     1 
HETATM 793 O O     . HOH K 2 . ? -15.543 3.085   -3.428  1.00 70.39 ? 99  HOH E O     1 
HETATM 794 O O     . HOH K 2 . ? -13.840 10.932  6.933   1.00 30.63 ? 103 HOH E O     1 
HETATM 795 O O     . HOH K 2 . ? -6.286  10.024  0.725   1.00 42.43 ? 106 HOH E O     1 
HETATM 796 O O     . HOH K 2 . ? 0.233   8.163   4.199   1.00 75.80 ? 114 HOH E O     1 
HETATM 797 O O     . HOH K 2 . ? -13.000 8.928   7.729   1.00 53.32 ? 120 HOH E O     1 
HETATM 798 O O     . HOH K 2 . ? -18.420 7.374   -2.324  1.00 69.21 ? 122 HOH E O     1 
HETATM 799 O O     . HOH K 2 . ? -18.130 10.162  -4.869  1.00 68.49 ? 123 HOH E O     1 
HETATM 800 O O     . HOH K 2 . ? -0.501  8.849   -9.053  1.00 67.71 ? 128 HOH E O     1 
HETATM 801 O O     . HOH K 2 . ? -0.044  5.344   -8.992  1.00 51.11 ? 129 HOH E O     1 
HETATM 802 O O     . HOH K 2 . ? -3.226  5.839   -8.900  1.00 64.63 ? 130 HOH E O     1 
HETATM 803 O O     . HOH K 2 . ? 0.354   4.236   -11.496 1.00 76.33 ? 131 HOH E O     1 
HETATM 804 O O     . HOH K 2 . ? -7.401  3.504   -8.444  1.00 62.40 ? 132 HOH E O     1 
HETATM 805 O O     . HOH K 2 . ? -0.172  11.793  -9.974  1.00 80.22 ? 140 HOH E O     1 
HETATM 806 O O     . HOH L 2 . ? -2.742  5.230   8.221   1.00 63.02 ? 49  HOH F O     1 
HETATM 807 O O     . HOH L 2 . ? -8.582  3.279   14.306  1.00 46.62 ? 56  HOH F O     1 
HETATM 808 O O     . HOH L 2 . ? -10.558 13.230  8.993   1.00 38.73 ? 70  HOH F O     1 
HETATM 809 O O     . HOH L 2 . ? -1.081  7.158   6.025   1.00 44.48 ? 72  HOH F O     1 
HETATM 810 O O     . HOH L 2 . ? -6.447  12.797  0.965   1.00 41.18 ? 89  HOH F O     1 
HETATM 811 O O     . HOH L 2 . ? -2.053  9.810   5.072   1.00 40.86 ? 96  HOH F O     1 
HETATM 812 O O     . HOH L 2 . ? 0.364   5.073   8.781   1.00 48.35 ? 113 HOH F O     1 
HETATM 813 O O     . HOH L 2 . ? -2.612  9.357   7.623   1.00 72.00 ? 115 HOH F O     1 
HETATM 814 O O     . HOH L 2 . ? -2.822  17.037  5.119   1.00 60.86 ? 116 HOH F O     1 
HETATM 815 O O     . HOH L 2 . ? -4.615  10.835  2.961   1.00 57.28 ? 124 HOH F O     1 
HETATM 816 O O     . HOH L 2 . ? -12.920 10.894  18.304  1.00 51.77 ? 137 HOH F O     1 
HETATM 817 O O     . HOH L 2 . ? 1.120   -0.737  9.946   1.00 57.91 ? 149 HOH F O     1 
HETATM 818 O O     . HOH L 2 . ? 6.185   -6.347  7.096   1.00 64.95 ? 150 HOH F O     1 
HETATM 819 O O     . HOH L 2 . ? -0.168  -0.528  -0.096  1.00 73.78 ? 162 HOH F O     1 
# 
